data_8COM
#
_entry.id   8COM
#
loop_
_entity.id
_entity.type
_entity.pdbx_description
1 polymer 'Histone H3, putative'
2 polymer 'Histone H4'
3 polymer 'Histone H2A'
4 polymer 'Histone H2B'
5 polymer 'Widom 601 145 bp DNA (127-mer ordered and built)'
6 polymer 'Widom 601 145 bp DNA (127-mer ordered and built)'
#
loop_
_entity_poly.entity_id
_entity_poly.type
_entity_poly.pdbx_seq_one_letter_code
_entity_poly.pdbx_strand_id
1 'polypeptide(L)'
;SRTKETARTKKTITSKKSKKASKGSDAASGVKTAQRRWRPGTVALREIRQFQRSTDLLLQKAPFQRLVREVSGAQKEGLR
FQSSAILAAQEATESYIVSLLADTNRACIHSGRVTIQPKDIHLALCLRGERA
;
A,E
2 'polypeptide(L)'
;AKGKKSGEAKGSQKRQKKVLRENVRGITRGSIRRLARRGGVKRISGVIYDEVRGVLKSFVEGVVRDATAYTEYSRKKTVT
AVDVVNALRKRGKILYGYA
;
B,F
3 'polypeptide(L)'
;ATPKQAVKKASKGGSSRSVKAGLIFPVGRVGTLLRRGQYARRIGASGAVYMAAVLEYLTAELLELSVKAAAQQTKKTKRL
TPRTVTLAVRHDDDLGALLRNVTMSRGGVMPSLNKALAKKQKSGKHAKATPSV
;
C,G
4 'polypeptide(L)'
;ATPKSTPAKTRKEAKKTRRQRKRTWNVYVSRSLRSINSQMSMTSRTMKIVNSFVNDLFERIAAEAATIVRVNRKRTLGAR
ELQTAVRLVLPADLAKHAMAEGTKAVSHASS
;
D,H
5 'polydeoxyribonucleotide'
;(DA)(DT)(DC)(DG)(DA)(DT)(DG)(DT)(DA)(DT)(DA)(DT)(DA)(DT)(DC)(DT)(DG)(DA)(DC)(DA)
(DC)(DG)(DT)(DG)(DC)(DC)(DT)(DG)(DG)(DA)(DG)(DA)(DC)(DT)(DA)(DG)(DG)(DG)(DA)(DG)
(DT)(DA)(DA)(DT)(DC)(DC)(DC)(DC)(DT)(DT)(DG)(DG)(DC)(DG)(DG)(DT)(DT)(DA)(DA)(DA)
(DA)(DC)(DG)(DC)(DG)(DG)(DG)(DG)(DG)(DA)(DC)(DA)(DG)(DC)(DG)(DC)(DG)(DT)(DA)(DC)
(DG)(DT)(DG)(DC)(DG)(DT)(DT)(DT)(DA)(DA)(DG)(DC)(DG)(DG)(DT)(DG)(DC)(DT)(DA)(DG)
(DA)(DG)(DC)(DT)(DG)(DT)(DC)(DT)(DA)(DC)(DG)(DA)(DC)(DC)(DA)(DA)(DT)(DT)(DG)(DA)
(DG)(DC)(DG)(DG)(DC)(DC)(DT)(DC)(DG)(DG)(DC)(DA)(DC)(DC)(DG)(DG)(DG)(DA)(DT)(DT)
(DC)(DT)(DG)(DA)(DT)
;
I
6 'polydeoxyribonucleotide'
;(DA)(DT)(DC)(DA)(DG)(DA)(DA)(DT)(DC)(DC)(DC)(DG)(DG)(DT)(DG)(DC)(DC)(DG)(DA)(DG)
(DG)(DC)(DC)(DG)(DC)(DT)(DC)(DA)(DA)(DT)(DT)(DG)(DG)(DT)(DC)(DG)(DT)(DA)(DG)(DA)
(DC)(DA)(DG)(DC)(DT)(DC)(DT)(DA)(DG)(DC)(DA)(DC)(DC)(DG)(DC)(DT)(DT)(DA)(DA)(DA)
(DC)(DG)(DC)(DA)(DC)(DG)(DT)(DA)(DC)(DG)(DC)(DG)(DC)(DT)(DG)(DT)(DC)(DC)(DC)(DC)
(DC)(DG)(DC)(DG)(DT)(DT)(DT)(DT)(DA)(DA)(DC)(DC)(DG)(DC)(DC)(DA)(DA)(DG)(DG)(DG)
(DG)(DA)(DT)(DT)(DA)(DC)(DT)(DC)(DC)(DC)(DT)(DA)(DG)(DT)(DC)(DT)(DC)(DC)(DA)(DG)
(DG)(DC)(DA)(DC)(DG)(DT)(DG)(DT)(DC)(DA)(DG)(DA)(DT)(DA)(DT)(DA)(DT)(DA)(DC)(DA)
(DT)(DC)(DG)(DA)(DT)
;
J
#
# COMPACT_ATOMS: atom_id res chain seq x y z
N ARG A 39 -14.40 -31.32 29.37
CA ARG A 39 -14.89 -31.59 28.01
C ARG A 39 -14.12 -30.75 26.98
N PRO A 40 -12.83 -31.04 26.80
CA PRO A 40 -12.04 -30.25 25.85
C PRO A 40 -12.52 -30.42 24.42
N GLY A 41 -13.04 -29.34 23.84
CA GLY A 41 -13.53 -29.39 22.48
C GLY A 41 -14.99 -29.00 22.37
N THR A 42 -15.56 -28.49 23.46
CA THR A 42 -16.93 -28.01 23.47
C THR A 42 -17.02 -26.51 23.70
N VAL A 43 -16.44 -26.01 24.79
CA VAL A 43 -16.52 -24.59 25.08
C VAL A 43 -15.63 -23.80 24.14
N ALA A 44 -14.62 -24.46 23.55
CA ALA A 44 -13.74 -23.77 22.61
C ALA A 44 -14.51 -23.30 21.38
N LEU A 45 -15.23 -24.21 20.73
CA LEU A 45 -16.07 -23.81 19.62
C LEU A 45 -17.26 -22.96 20.06
N ARG A 46 -17.72 -23.11 21.30
CA ARG A 46 -18.72 -22.19 21.83
C ARG A 46 -18.22 -20.76 21.81
N GLU A 47 -16.98 -20.53 22.24
CA GLU A 47 -16.42 -19.18 22.20
C GLU A 47 -16.08 -18.76 20.77
N ILE A 48 -15.67 -19.72 19.92
CA ILE A 48 -15.40 -19.37 18.53
C ILE A 48 -16.64 -18.84 17.85
N ARG A 49 -17.77 -19.51 18.01
CA ARG A 49 -19.02 -19.05 17.41
C ARG A 49 -19.65 -17.88 18.17
N GLN A 50 -19.37 -17.75 19.47
CA GLN A 50 -19.93 -16.65 20.24
C GLN A 50 -19.23 -15.34 19.92
N PHE A 51 -17.90 -15.37 19.82
CA PHE A 51 -17.11 -14.16 19.64
C PHE A 51 -16.81 -13.86 18.19
N GLN A 52 -17.31 -14.66 17.26
CA GLN A 52 -17.18 -14.35 15.83
C GLN A 52 -18.45 -13.76 15.25
N ARG A 53 -19.59 -13.95 15.91
CA ARG A 53 -20.84 -13.32 15.53
C ARG A 53 -21.06 -11.98 16.23
N SER A 54 -20.17 -11.61 17.14
CA SER A 54 -20.33 -10.37 17.90
C SER A 54 -19.54 -9.24 17.26
N THR A 55 -19.97 -8.01 17.55
CA THR A 55 -19.35 -6.81 17.02
C THR A 55 -18.76 -5.90 18.09
N ASP A 56 -19.07 -6.12 19.36
CA ASP A 56 -18.60 -5.24 20.42
C ASP A 56 -17.09 -5.37 20.61
N LEU A 57 -16.52 -4.42 21.35
CA LEU A 57 -15.08 -4.42 21.58
C LEU A 57 -14.67 -5.58 22.47
N LEU A 58 -13.44 -6.05 22.26
CA LEU A 58 -12.90 -7.18 23.00
C LEU A 58 -11.84 -6.81 24.01
N LEU A 59 -10.87 -5.97 23.65
CA LEU A 59 -9.91 -5.49 24.63
C LEU A 59 -10.61 -4.65 25.68
N GLN A 60 -10.19 -4.81 26.93
CA GLN A 60 -10.72 -3.97 28.00
C GLN A 60 -10.31 -2.52 27.73
N LYS A 61 -11.29 -1.61 27.74
CA LYS A 61 -11.06 -0.26 27.25
C LYS A 61 -10.04 0.48 28.11
N ALA A 62 -10.17 0.39 29.43
CA ALA A 62 -9.31 1.17 30.31
C ALA A 62 -7.84 0.78 30.23
N PRO A 63 -7.45 -0.49 30.32
CA PRO A 63 -6.01 -0.81 30.20
C PRO A 63 -5.45 -0.53 28.82
N PHE A 64 -6.24 -0.70 27.77
CA PHE A 64 -5.74 -0.32 26.44
C PHE A 64 -5.53 1.19 26.35
N GLN A 65 -6.44 1.97 26.93
CA GLN A 65 -6.25 3.41 26.96
C GLN A 65 -5.01 3.79 27.75
N ARG A 66 -4.77 3.11 28.87
CA ARG A 66 -3.54 3.33 29.63
C ARG A 66 -2.32 3.00 28.81
N LEU A 67 -2.36 1.90 28.05
CA LEU A 67 -1.24 1.54 27.19
C LEU A 67 -1.00 2.58 26.12
N VAL A 68 -2.07 3.09 25.51
CA VAL A 68 -1.94 4.10 24.46
C VAL A 68 -1.30 5.36 25.03
N ARG A 69 -1.78 5.80 26.20
CA ARG A 69 -1.21 7.00 26.81
C ARG A 69 0.22 6.79 27.27
N GLU A 70 0.56 5.60 27.78
CA GLU A 70 1.95 5.32 28.15
C GLU A 70 2.87 5.34 26.93
N VAL A 71 2.41 4.79 25.81
CA VAL A 71 3.21 4.85 24.58
C VAL A 71 3.38 6.29 24.12
N SER A 72 2.30 7.07 24.16
CA SER A 72 2.39 8.46 23.71
C SER A 72 3.28 9.29 24.62
N GLY A 73 3.32 8.97 25.91
CA GLY A 73 4.13 9.74 26.83
C GLY A 73 5.62 9.64 26.54
N ALA A 74 6.05 8.57 25.88
CA ALA A 74 7.44 8.44 25.51
C ALA A 74 7.86 9.44 24.44
N GLN A 75 6.90 10.03 23.72
CA GLN A 75 7.20 11.02 22.70
C GLN A 75 7.12 12.44 23.24
N LYS A 76 5.97 12.81 23.80
CA LYS A 76 5.77 14.13 24.38
C LYS A 76 4.77 13.93 25.53
N GLU A 77 5.21 14.22 26.75
CA GLU A 77 4.34 14.08 27.91
C GLU A 77 3.31 15.19 27.97
N GLY A 78 2.10 14.82 28.41
CA GLY A 78 0.99 15.75 28.48
C GLY A 78 0.16 15.87 27.22
N LEU A 79 0.42 15.05 26.21
CA LEU A 79 -0.40 15.05 25.01
C LEU A 79 -1.80 14.53 25.33
N ARG A 80 -2.81 15.18 24.77
CA ARG A 80 -4.21 14.86 25.02
C ARG A 80 -4.78 14.08 23.85
N PHE A 81 -5.66 13.13 24.15
CA PHE A 81 -6.24 12.25 23.15
C PHE A 81 -7.74 12.46 23.09
N GLN A 82 -8.28 12.61 21.88
CA GLN A 82 -9.72 12.67 21.72
C GLN A 82 -10.34 11.33 22.12
N SER A 83 -11.54 11.39 22.72
CA SER A 83 -12.21 10.16 23.11
C SER A 83 -12.49 9.26 21.91
N SER A 84 -12.72 9.86 20.74
CA SER A 84 -12.91 9.08 19.52
C SER A 84 -11.62 8.52 18.96
N ALA A 85 -10.49 9.22 19.14
CA ALA A 85 -9.22 8.73 18.61
C ALA A 85 -8.76 7.46 19.31
N ILE A 86 -8.96 7.38 20.62
CA ILE A 86 -8.59 6.17 21.35
C ILE A 86 -9.42 4.98 20.87
N LEU A 87 -10.72 5.18 20.65
CA LEU A 87 -11.55 4.10 20.15
C LEU A 87 -11.17 3.71 18.72
N ALA A 88 -10.82 4.70 17.90
CA ALA A 88 -10.41 4.40 16.54
C ALA A 88 -9.10 3.64 16.50
N ALA A 89 -8.20 3.90 17.45
CA ALA A 89 -6.98 3.11 17.55
C ALA A 89 -7.28 1.71 18.09
N GLN A 90 -8.19 1.62 19.06
CA GLN A 90 -8.51 0.32 19.66
C GLN A 90 -9.14 -0.62 18.65
N GLU A 91 -10.07 -0.11 17.84
CA GLU A 91 -10.70 -0.95 16.84
C GLU A 91 -9.72 -1.42 15.77
N ALA A 92 -8.81 -0.55 15.34
CA ALA A 92 -7.79 -0.97 14.38
C ALA A 92 -6.85 -2.00 14.99
N THR A 93 -6.48 -1.83 16.27
CA THR A 93 -5.65 -2.82 16.93
C THR A 93 -6.37 -4.15 17.06
N GLU A 94 -7.68 -4.11 17.37
CA GLU A 94 -8.47 -5.33 17.42
C GLU A 94 -8.48 -6.02 16.06
N SER A 95 -8.67 -5.26 15.00
CA SER A 95 -8.68 -5.84 13.67
C SER A 95 -7.33 -6.46 13.33
N TYR A 96 -6.24 -5.75 13.66
CA TYR A 96 -4.91 -6.29 13.37
C TYR A 96 -4.64 -7.57 14.15
N ILE A 97 -4.97 -7.59 15.44
CA ILE A 97 -4.72 -8.77 16.25
C ILE A 97 -5.60 -9.93 15.80
N VAL A 98 -6.85 -9.64 15.44
CA VAL A 98 -7.75 -10.69 14.97
C VAL A 98 -7.24 -11.29 13.67
N SER A 99 -6.82 -10.43 12.73
CA SER A 99 -6.27 -10.94 11.48
C SER A 99 -5.00 -11.75 11.71
N LEU A 100 -4.12 -11.26 12.59
CA LEU A 100 -2.87 -11.96 12.87
C LEU A 100 -3.15 -13.32 13.51
N LEU A 101 -4.10 -13.38 14.45
CA LEU A 101 -4.39 -14.63 15.12
C LEU A 101 -5.11 -15.61 14.19
N ALA A 102 -5.96 -15.10 13.31
CA ALA A 102 -6.57 -15.98 12.30
C ALA A 102 -5.52 -16.53 11.35
N ASP A 103 -4.56 -15.71 10.94
CA ASP A 103 -3.48 -16.19 10.09
C ASP A 103 -2.63 -17.22 10.83
N THR A 104 -2.34 -16.98 12.10
CA THR A 104 -1.58 -17.93 12.90
C THR A 104 -2.34 -19.24 13.05
N ASN A 105 -3.66 -19.17 13.25
CA ASN A 105 -4.46 -20.38 13.32
C ASN A 105 -4.44 -21.13 12.00
N ARG A 106 -4.48 -20.41 10.88
CA ARG A 106 -4.35 -21.06 9.59
C ARG A 106 -3.02 -21.78 9.46
N ALA A 107 -1.93 -21.13 9.88
CA ALA A 107 -0.62 -21.78 9.85
C ALA A 107 -0.57 -22.99 10.76
N CYS A 108 -1.15 -22.90 11.96
CA CYS A 108 -1.16 -24.03 12.88
C CYS A 108 -1.95 -25.21 12.32
N ILE A 109 -3.11 -24.93 11.72
CA ILE A 109 -3.88 -25.99 11.08
C ILE A 109 -3.10 -26.60 9.93
N HIS A 110 -2.41 -25.77 9.16
CA HIS A 110 -1.52 -26.26 8.12
C HIS A 110 -0.40 -27.13 8.69
N SER A 111 0.01 -26.89 9.93
CA SER A 111 1.03 -27.70 10.57
C SER A 111 0.47 -28.98 11.19
N GLY A 112 -0.83 -29.21 11.09
CA GLY A 112 -1.41 -30.41 11.65
C GLY A 112 -1.68 -30.36 13.13
N ARG A 113 -1.87 -29.18 13.70
CA ARG A 113 -2.14 -29.01 15.11
C ARG A 113 -3.43 -28.22 15.29
N VAL A 114 -3.79 -27.96 16.54
CA VAL A 114 -4.94 -27.12 16.86
C VAL A 114 -4.52 -26.11 17.92
N THR A 115 -3.31 -26.25 18.45
CA THR A 115 -2.78 -25.38 19.49
C THR A 115 -1.79 -24.41 18.87
N ILE A 116 -2.12 -23.12 18.92
CA ILE A 116 -1.22 -22.11 18.37
C ILE A 116 -0.02 -21.94 19.30
N GLN A 117 1.15 -21.81 18.70
CA GLN A 117 2.43 -21.69 19.40
C GLN A 117 3.18 -20.49 18.87
N PRO A 118 4.15 -19.96 19.64
CA PRO A 118 4.84 -18.75 19.20
C PRO A 118 5.49 -18.86 17.83
N LYS A 119 5.94 -20.05 17.44
CA LYS A 119 6.47 -20.22 16.09
C LYS A 119 5.41 -20.00 15.03
N ASP A 120 4.15 -20.33 15.31
CA ASP A 120 3.09 -20.03 14.36
C ASP A 120 2.92 -18.52 14.17
N ILE A 121 2.95 -17.76 15.27
CA ILE A 121 2.85 -16.31 15.17
C ILE A 121 4.03 -15.74 14.41
N HIS A 122 5.23 -16.26 14.69
CA HIS A 122 6.41 -15.78 13.98
C HIS A 122 6.31 -16.08 12.48
N LEU A 123 5.82 -17.27 12.13
CA LEU A 123 5.65 -17.60 10.71
C LEU A 123 4.63 -16.67 10.05
N ALA A 124 3.51 -16.42 10.72
CA ALA A 124 2.49 -15.54 10.15
C ALA A 124 3.03 -14.13 9.95
N LEU A 125 3.77 -13.61 10.93
CA LEU A 125 4.36 -12.29 10.80
C LEU A 125 5.40 -12.24 9.70
N CYS A 126 6.20 -13.29 9.57
CA CYS A 126 7.21 -13.33 8.51
C CYS A 126 6.55 -13.34 7.13
N LEU A 127 5.49 -14.13 6.96
CA LEU A 127 4.85 -14.19 5.65
C LEU A 127 4.07 -12.93 5.33
N ARG A 128 3.47 -12.29 6.33
CA ARG A 128 2.73 -11.06 6.06
C ARG A 128 3.67 -9.90 5.79
N GLY A 129 4.55 -9.58 6.75
CA GLY A 129 5.48 -8.49 6.58
C GLY A 129 6.10 -8.04 7.89
N VAL B 24 2.12 -3.20 29.05
CA VAL B 24 1.38 -4.20 28.29
C VAL B 24 0.73 -5.21 29.22
N ARG B 25 1.16 -5.19 30.48
CA ARG B 25 0.64 -6.16 31.45
C ARG B 25 -0.83 -5.94 31.74
N GLY B 26 -1.38 -4.78 31.36
CA GLY B 26 -2.81 -4.57 31.48
C GLY B 26 -3.61 -5.30 30.42
N ILE B 27 -2.96 -5.78 29.36
CA ILE B 27 -3.62 -6.57 28.34
C ILE B 27 -3.74 -7.99 28.86
N THR B 28 -4.85 -8.28 29.51
CA THR B 28 -5.03 -9.50 30.28
C THR B 28 -5.07 -10.73 29.37
N ARG B 29 -4.98 -11.91 29.98
CA ARG B 29 -5.13 -13.15 29.24
C ARG B 29 -6.51 -13.27 28.63
N GLY B 30 -7.52 -12.72 29.32
CA GLY B 30 -8.88 -12.79 28.80
C GLY B 30 -9.05 -12.05 27.49
N SER B 31 -8.45 -10.87 27.38
CA SER B 31 -8.56 -10.11 26.13
C SER B 31 -7.89 -10.84 24.98
N ILE B 32 -6.70 -11.39 25.20
CA ILE B 32 -6.01 -12.14 24.15
C ILE B 32 -6.82 -13.37 23.77
N ARG B 33 -7.38 -14.05 24.77
CA ARG B 33 -8.19 -15.23 24.48
C ARG B 33 -9.43 -14.88 23.67
N ARG B 34 -10.10 -13.78 24.02
CA ARG B 34 -11.28 -13.37 23.26
C ARG B 34 -10.92 -12.99 21.84
N LEU B 35 -9.81 -12.28 21.65
CA LEU B 35 -9.36 -11.94 20.31
C LEU B 35 -9.06 -13.20 19.51
N ALA B 36 -8.43 -14.19 20.13
CA ALA B 36 -8.10 -15.42 19.42
C ALA B 36 -9.36 -16.21 19.07
N ARG B 37 -10.33 -16.26 20.00
CA ARG B 37 -11.58 -16.96 19.69
C ARG B 37 -12.32 -16.29 18.55
N ARG B 38 -12.32 -14.95 18.51
CA ARG B 38 -12.88 -14.27 17.35
C ARG B 38 -12.09 -14.60 16.09
N GLY B 39 -10.77 -14.72 16.21
CA GLY B 39 -9.96 -15.14 15.09
C GLY B 39 -10.17 -16.58 14.69
N GLY B 40 -10.64 -17.42 15.61
CA GLY B 40 -11.03 -18.77 15.30
C GLY B 40 -10.06 -19.85 15.70
N VAL B 41 -9.34 -19.70 16.80
CA VAL B 41 -8.42 -20.73 17.26
C VAL B 41 -9.15 -21.65 18.23
N LYS B 42 -8.64 -22.87 18.38
CA LYS B 42 -9.24 -23.86 19.26
C LYS B 42 -8.53 -23.96 20.60
N ARG B 43 -7.21 -24.06 20.60
CA ARG B 43 -6.42 -24.14 21.83
C ARG B 43 -5.25 -23.18 21.74
N ILE B 44 -4.91 -22.57 22.88
CA ILE B 44 -3.91 -21.51 22.95
C ILE B 44 -2.81 -21.96 23.88
N SER B 45 -1.55 -21.81 23.44
CA SER B 45 -0.43 -22.16 24.27
C SER B 45 -0.23 -21.13 25.38
N GLY B 46 0.53 -21.51 26.40
CA GLY B 46 0.80 -20.60 27.49
C GLY B 46 1.82 -19.52 27.18
N VAL B 47 2.47 -19.61 26.02
CA VAL B 47 3.45 -18.61 25.61
C VAL B 47 2.89 -17.65 24.57
N ILE B 48 1.71 -17.94 24.00
CA ILE B 48 1.13 -17.06 22.98
C ILE B 48 0.82 -15.68 23.56
N TYR B 49 0.41 -15.63 24.83
CA TYR B 49 -0.02 -14.37 25.42
C TYR B 49 1.10 -13.33 25.38
N ASP B 50 2.32 -13.72 25.74
CA ASP B 50 3.42 -12.76 25.75
C ASP B 50 3.74 -12.23 24.36
N GLU B 51 3.78 -13.12 23.36
CA GLU B 51 4.11 -12.68 22.00
C GLU B 51 3.00 -11.81 21.42
N VAL B 52 1.74 -12.15 21.70
CA VAL B 52 0.64 -11.30 21.22
C VAL B 52 0.67 -9.95 21.94
N ARG B 53 1.03 -9.93 23.22
CA ARG B 53 1.23 -8.64 23.89
C ARG B 53 2.32 -7.83 23.21
N GLY B 54 3.42 -8.48 22.85
CA GLY B 54 4.51 -7.77 22.19
C GLY B 54 4.09 -7.18 20.86
N VAL B 55 3.41 -7.97 20.02
CA VAL B 55 2.97 -7.45 18.72
C VAL B 55 1.89 -6.40 18.85
N LEU B 56 0.99 -6.52 19.82
CA LEU B 56 -0.01 -5.49 20.06
C LEU B 56 0.65 -4.18 20.48
N LYS B 57 1.64 -4.27 21.39
CA LYS B 57 2.35 -3.07 21.80
C LYS B 57 3.09 -2.43 20.64
N SER B 58 3.73 -3.24 19.79
CA SER B 58 4.41 -2.68 18.63
C SER B 58 3.45 -2.00 17.67
N PHE B 59 2.30 -2.61 17.38
CA PHE B 59 1.33 -1.99 16.49
C PHE B 59 0.80 -0.69 17.06
N VAL B 60 0.45 -0.68 18.35
CA VAL B 60 -0.07 0.54 18.95
C VAL B 60 0.99 1.62 19.00
N GLU B 61 2.23 1.25 19.27
CA GLU B 61 3.32 2.21 19.25
C GLU B 61 3.48 2.83 17.87
N GLY B 62 3.44 2.01 16.82
CA GLY B 62 3.52 2.56 15.48
C GLY B 62 2.37 3.50 15.16
N VAL B 63 1.15 3.09 15.50
CA VAL B 63 -0.02 3.91 15.19
C VAL B 63 0.04 5.24 15.93
N VAL B 64 0.40 5.22 17.22
CA VAL B 64 0.43 6.44 18.00
C VAL B 64 1.56 7.34 17.54
N ARG B 65 2.74 6.77 17.29
CA ARG B 65 3.85 7.57 16.77
C ARG B 65 3.57 8.14 15.40
N ASP B 66 2.69 7.52 14.62
CA ASP B 66 2.29 8.08 13.33
C ASP B 66 1.21 9.14 13.46
N ALA B 67 0.28 8.99 14.41
CA ALA B 67 -0.78 9.98 14.57
C ALA B 67 -0.27 11.24 15.26
N THR B 68 0.69 11.09 16.18
CA THR B 68 1.25 12.26 16.82
C THR B 68 2.00 13.16 15.86
N ALA B 69 2.53 12.62 14.76
CA ALA B 69 3.14 13.48 13.74
C ALA B 69 2.10 14.38 13.11
N TYR B 70 0.96 13.83 12.73
CA TYR B 70 -0.13 14.64 12.19
C TYR B 70 -0.59 15.68 13.20
N THR B 71 -0.74 15.27 14.47
CA THR B 71 -1.22 16.20 15.48
C THR B 71 -0.22 17.32 15.73
N GLU B 72 1.07 17.01 15.74
CA GLU B 72 2.08 18.03 15.98
C GLU B 72 2.23 18.96 14.80
N TYR B 73 2.00 18.47 13.58
CA TYR B 73 2.10 19.35 12.41
C TYR B 73 1.07 20.46 12.47
N SER B 74 -0.16 20.15 12.87
CA SER B 74 -1.27 21.09 12.82
C SER B 74 -1.35 21.95 14.08
N ARG B 75 -0.24 22.12 14.80
CA ARG B 75 -0.15 22.98 15.98
C ARG B 75 -1.15 22.58 17.06
N LYS B 76 -1.62 21.34 17.06
CA LYS B 76 -2.63 20.90 18.00
C LYS B 76 -2.02 20.04 19.09
N LYS B 77 -2.58 20.14 20.29
CA LYS B 77 -2.18 19.32 21.42
C LYS B 77 -3.22 18.24 21.73
N THR B 78 -4.08 17.94 20.78
CA THR B 78 -5.14 16.94 20.95
C THR B 78 -5.15 16.03 19.74
N VAL B 79 -4.85 14.76 19.95
CA VAL B 79 -4.84 13.78 18.86
C VAL B 79 -6.28 13.41 18.54
N THR B 80 -6.75 13.81 17.36
CA THR B 80 -8.14 13.60 16.99
C THR B 80 -8.28 12.32 16.18
N ALA B 81 -9.52 11.87 16.03
CA ALA B 81 -9.79 10.62 15.33
C ALA B 81 -9.38 10.68 13.87
N VAL B 82 -9.46 11.86 13.26
CA VAL B 82 -9.02 12.01 11.87
C VAL B 82 -7.53 11.75 11.77
N ASP B 83 -6.75 12.22 12.74
CA ASP B 83 -5.32 11.95 12.74
C ASP B 83 -5.02 10.47 12.86
N VAL B 84 -5.73 9.76 13.73
CA VAL B 84 -5.52 8.33 13.86
C VAL B 84 -5.91 7.60 12.58
N VAL B 85 -7.01 8.02 11.96
CA VAL B 85 -7.44 7.39 10.70
C VAL B 85 -6.40 7.60 9.62
N ASN B 86 -5.86 8.82 9.52
CA ASN B 86 -4.83 9.08 8.53
C ASN B 86 -3.57 8.27 8.81
N ALA B 87 -3.18 8.15 10.08
CA ALA B 87 -2.03 7.35 10.43
C ALA B 87 -2.22 5.90 10.05
N LEU B 88 -3.42 5.36 10.30
CA LEU B 88 -3.72 3.98 9.91
C LEU B 88 -3.69 3.82 8.40
N ARG B 89 -4.26 4.79 7.67
CA ARG B 89 -4.23 4.73 6.22
C ARG B 89 -2.80 4.76 5.69
N LYS B 90 -1.89 5.42 6.41
CA LYS B 90 -0.50 5.42 5.98
C LYS B 90 0.08 4.01 5.95
N ARG B 91 -0.28 3.18 6.93
CA ARG B 91 0.23 1.83 7.03
C ARG B 91 -0.57 0.81 6.22
N GLY B 92 -1.57 1.27 5.46
CA GLY B 92 -2.37 0.35 4.67
C GLY B 92 -3.41 -0.40 5.47
N LYS B 93 -3.90 0.19 6.56
CA LYS B 93 -4.92 -0.43 7.39
C LYS B 93 -6.16 0.46 7.44
N ILE B 94 -6.60 0.91 6.25
CA ILE B 94 -7.67 1.90 6.13
C ILE B 94 -8.83 1.52 7.02
N LEU B 95 -9.36 2.51 7.74
CA LEU B 95 -10.44 2.33 8.69
C LEU B 95 -11.64 3.16 8.28
N TYR B 96 -12.83 2.58 8.39
CA TYR B 96 -14.07 3.23 7.99
C TYR B 96 -14.92 3.53 9.21
N GLY B 97 -15.59 4.67 9.20
CA GLY B 97 -16.56 4.99 10.22
C GLY B 97 -16.11 5.96 11.29
N TYR B 98 -14.95 6.59 11.13
CA TYR B 98 -14.44 7.55 12.11
C TYR B 98 -14.06 8.85 11.44
N ALA B 99 -14.90 9.33 10.53
CA ALA B 99 -14.65 10.60 9.86
C ALA B 99 -15.95 11.17 9.30
N SER C 15 24.70 25.32 -8.89
CA SER C 15 23.65 26.31 -8.73
C SER C 15 23.94 27.21 -7.54
N SER C 16 23.33 28.40 -7.54
CA SER C 16 23.56 29.34 -6.45
C SER C 16 22.98 28.82 -5.14
N ARG C 17 21.72 28.39 -5.16
CA ARG C 17 21.07 27.95 -3.92
C ARG C 17 21.53 26.58 -3.46
N SER C 18 21.93 25.70 -4.37
CA SER C 18 22.45 24.40 -3.94
C SER C 18 23.74 24.55 -3.15
N VAL C 19 24.63 25.45 -3.58
CA VAL C 19 25.87 25.65 -2.85
C VAL C 19 25.66 26.57 -1.65
N LYS C 20 24.70 27.49 -1.72
CA LYS C 20 24.44 28.36 -0.58
C LYS C 20 23.82 27.59 0.57
N ALA C 21 22.93 26.64 0.27
CA ALA C 21 22.29 25.86 1.33
C ALA C 21 23.26 24.89 1.98
N GLY C 22 24.39 24.61 1.35
CA GLY C 22 25.32 23.62 1.84
C GLY C 22 25.04 22.21 1.36
N LEU C 23 24.42 22.03 0.20
CA LEU C 23 24.05 20.72 -0.29
C LEU C 23 24.73 20.47 -1.63
N ILE C 24 24.76 19.19 -2.01
CA ILE C 24 25.28 18.81 -3.32
C ILE C 24 24.16 18.52 -4.32
N PHE C 25 22.96 18.18 -3.84
CA PHE C 25 21.83 17.97 -4.72
C PHE C 25 21.24 19.30 -5.17
N PRO C 26 20.60 19.33 -6.35
CA PRO C 26 20.02 20.58 -6.81
C PRO C 26 18.82 21.00 -5.98
N VAL C 27 18.60 22.31 -5.92
CA VAL C 27 17.44 22.86 -5.22
C VAL C 27 16.54 23.53 -6.24
N GLY C 28 17.02 23.70 -7.46
CA GLY C 28 16.20 24.20 -8.53
C GLY C 28 15.43 23.08 -9.20
N ARG C 29 16.13 21.98 -9.45
CA ARG C 29 15.51 20.80 -10.04
C ARG C 29 14.40 20.28 -9.13
N VAL C 30 14.68 20.24 -7.82
CA VAL C 30 13.69 19.73 -6.87
C VAL C 30 12.46 20.64 -6.84
N GLY C 31 12.67 21.95 -6.79
CA GLY C 31 11.55 22.88 -6.77
C GLY C 31 10.71 22.79 -8.04
N THR C 32 11.37 22.75 -9.19
CA THR C 32 10.64 22.64 -10.45
C THR C 32 9.90 21.30 -10.54
N LEU C 33 10.51 20.21 -10.07
CA LEU C 33 9.83 18.93 -10.07
C LEU C 33 8.60 18.96 -9.17
N LEU C 34 8.71 19.57 -8.00
CA LEU C 34 7.57 19.69 -7.11
C LEU C 34 6.47 20.52 -7.75
N ARG C 35 6.82 21.61 -8.42
CA ARG C 35 5.81 22.43 -9.08
C ARG C 35 5.14 21.66 -10.22
N ARG C 36 5.93 20.93 -11.00
CA ARG C 36 5.38 20.17 -12.12
C ARG C 36 4.54 19.00 -11.66
N GLY C 37 4.80 18.47 -10.47
CA GLY C 37 3.95 17.44 -9.92
C GLY C 37 2.62 17.92 -9.41
N GLN C 38 2.48 19.22 -9.15
CA GLN C 38 1.24 19.81 -8.66
C GLN C 38 0.78 19.14 -7.38
N TYR C 39 1.72 18.82 -6.50
CA TYR C 39 1.33 18.30 -5.19
C TYR C 39 0.57 19.34 -4.38
N ALA C 40 0.86 20.62 -4.62
CA ALA C 40 0.12 21.72 -4.01
C ALA C 40 0.18 22.92 -4.95
N ARG C 41 -0.76 23.83 -4.79
CA ARG C 41 -0.82 25.00 -5.67
C ARG C 41 0.38 25.91 -5.45
N ARG C 42 0.73 26.18 -4.18
CA ARG C 42 1.89 26.98 -3.83
C ARG C 42 2.91 26.09 -3.14
N ILE C 43 4.18 26.31 -3.45
CA ILE C 43 5.27 25.49 -2.94
C ILE C 43 6.34 26.41 -2.37
N GLY C 44 6.62 26.28 -1.08
CA GLY C 44 7.53 27.20 -0.43
C GLY C 44 8.95 27.05 -0.93
N ALA C 45 9.70 28.14 -0.85
CA ALA C 45 11.11 28.11 -1.26
C ALA C 45 11.93 27.22 -0.33
N SER C 46 11.62 27.24 0.97
CA SER C 46 12.33 26.37 1.90
C SER C 46 11.97 24.91 1.70
N GLY C 47 10.81 24.64 1.11
CA GLY C 47 10.43 23.26 0.83
C GLY C 47 11.37 22.58 -0.13
N ALA C 48 11.81 23.30 -1.16
CA ALA C 48 12.78 22.73 -2.09
C ALA C 48 14.10 22.41 -1.40
N VAL C 49 14.57 23.32 -0.52
CA VAL C 49 15.80 23.07 0.21
C VAL C 49 15.65 21.84 1.09
N TYR C 50 14.52 21.72 1.80
CA TYR C 50 14.31 20.59 2.68
C TYR C 50 14.26 19.28 1.90
N MET C 51 13.55 19.26 0.77
CA MET C 51 13.48 18.04 -0.03
C MET C 51 14.84 17.66 -0.58
N ALA C 52 15.60 18.64 -1.06
CA ALA C 52 16.95 18.34 -1.57
C ALA C 52 17.83 17.80 -0.46
N ALA C 53 17.75 18.37 0.74
CA ALA C 53 18.55 17.87 1.84
C ALA C 53 18.19 16.44 2.20
N VAL C 54 16.89 16.13 2.27
CA VAL C 54 16.47 14.77 2.62
C VAL C 54 16.91 13.79 1.55
N LEU C 55 16.74 14.15 0.28
CA LEU C 55 17.17 13.27 -0.80
C LEU C 55 18.67 13.04 -0.75
N GLU C 56 19.45 14.10 -0.52
CA GLU C 56 20.90 13.95 -0.44
C GLU C 56 21.30 13.04 0.71
N TYR C 57 20.67 13.23 1.87
CA TYR C 57 21.02 12.38 3.01
C TYR C 57 20.67 10.92 2.74
N LEU C 58 19.51 10.66 2.15
CA LEU C 58 19.14 9.27 1.87
C LEU C 58 20.07 8.64 0.86
N THR C 59 20.42 9.40 -0.20
CA THR C 59 21.37 8.87 -1.19
C THR C 59 22.73 8.61 -0.55
N ALA C 60 23.20 9.53 0.29
CA ALA C 60 24.48 9.35 0.95
C ALA C 60 24.47 8.15 1.88
N GLU C 61 23.37 7.94 2.61
CA GLU C 61 23.28 6.78 3.48
C GLU C 61 23.26 5.48 2.69
N LEU C 62 22.51 5.46 1.58
CA LEU C 62 22.49 4.27 0.74
C LEU C 62 23.87 3.96 0.18
N LEU C 63 24.59 4.99 -0.29
CA LEU C 63 25.92 4.75 -0.83
C LEU C 63 26.92 4.39 0.26
N GLU C 64 26.74 4.93 1.47
CA GLU C 64 27.60 4.54 2.58
C GLU C 64 27.40 3.07 2.93
N LEU C 65 26.15 2.61 2.98
CA LEU C 65 25.89 1.19 3.21
C LEU C 65 26.46 0.33 2.10
N SER C 66 26.32 0.78 0.84
CA SER C 66 26.88 0.03 -0.27
C SER C 66 28.40 -0.09 -0.16
N VAL C 67 29.06 1.01 0.16
CA VAL C 67 30.52 1.00 0.30
C VAL C 67 30.93 0.10 1.45
N LYS C 68 30.23 0.19 2.58
CA LYS C 68 30.55 -0.64 3.74
C LYS C 68 30.39 -2.12 3.41
N ALA C 69 29.31 -2.49 2.72
CA ALA C 69 29.06 -3.88 2.38
C ALA C 69 29.94 -4.38 1.24
N ALA C 70 30.49 -3.49 0.43
CA ALA C 70 31.40 -3.93 -0.62
C ALA C 70 32.75 -4.39 -0.07
N ALA C 71 33.15 -3.85 1.09
CA ALA C 71 34.43 -4.26 1.67
C ALA C 71 34.36 -5.65 2.28
N GLN C 72 33.18 -6.08 2.72
CA GLN C 72 33.03 -7.39 3.35
C GLN C 72 33.01 -8.53 2.34
N GLN C 73 32.97 -8.24 1.05
CA GLN C 73 32.97 -9.29 0.04
C GLN C 73 34.32 -10.01 0.00
N THR C 74 34.30 -11.25 -0.47
CA THR C 74 35.53 -12.02 -0.59
C THR C 74 36.48 -11.39 -1.61
N LYS C 75 35.94 -10.73 -2.62
CA LYS C 75 36.73 -10.01 -3.62
C LYS C 75 36.60 -8.51 -3.36
N LYS C 76 37.74 -7.81 -3.34
CA LYS C 76 37.77 -6.39 -3.00
C LYS C 76 37.34 -5.52 -4.19
N THR C 77 36.15 -5.82 -4.71
CA THR C 77 35.62 -5.09 -5.84
C THR C 77 35.48 -3.60 -5.50
N LYS C 78 35.95 -2.75 -6.40
CA LYS C 78 35.90 -1.31 -6.24
C LYS C 78 34.73 -0.68 -7.00
N ARG C 79 33.81 -1.51 -7.49
CA ARG C 79 32.61 -1.04 -8.16
C ARG C 79 31.39 -1.63 -7.47
N LEU C 80 30.36 -0.81 -7.31
CA LEU C 80 29.13 -1.23 -6.66
C LEU C 80 28.23 -1.86 -7.72
N THR C 81 28.27 -3.18 -7.80
CA THR C 81 27.34 -3.91 -8.65
C THR C 81 25.96 -3.86 -8.03
N PRO C 82 24.88 -4.04 -8.81
CA PRO C 82 23.54 -4.06 -8.20
C PRO C 82 23.41 -5.13 -7.13
N ARG C 83 24.14 -6.24 -7.24
CA ARG C 83 24.13 -7.26 -6.20
C ARG C 83 24.64 -6.70 -4.89
N THR C 84 25.72 -5.91 -4.91
CA THR C 84 26.29 -5.38 -3.68
C THR C 84 25.36 -4.38 -3.02
N VAL C 85 24.76 -3.47 -3.79
CA VAL C 85 23.85 -2.49 -3.19
C VAL C 85 22.59 -3.18 -2.67
N THR C 86 22.12 -4.20 -3.39
CA THR C 86 20.97 -4.96 -2.91
C THR C 86 21.29 -5.67 -1.61
N LEU C 87 22.48 -6.25 -1.49
CA LEU C 87 22.89 -6.88 -0.25
C LEU C 87 22.99 -5.87 0.88
N ALA C 88 23.53 -4.68 0.59
CA ALA C 88 23.64 -3.65 1.62
C ALA C 88 22.26 -3.21 2.09
N VAL C 89 21.31 -3.07 1.17
CA VAL C 89 19.95 -2.71 1.55
C VAL C 89 19.33 -3.81 2.41
N ARG C 90 19.50 -5.06 1.99
CA ARG C 90 18.87 -6.17 2.71
C ARG C 90 19.44 -6.34 4.11
N HIS C 91 20.74 -6.11 4.29
CA HIS C 91 21.37 -6.34 5.58
C HIS C 91 20.92 -5.33 6.63
N ASP C 92 20.81 -4.05 6.28
CA ASP C 92 20.44 -3.02 7.25
C ASP C 92 19.00 -3.16 7.67
N ASP C 93 18.74 -2.98 8.96
CA ASP C 93 17.37 -3.03 9.46
C ASP C 93 16.60 -1.78 9.07
N ASP C 94 17.20 -0.60 9.24
CA ASP C 94 16.50 0.65 9.05
C ASP C 94 16.16 0.88 7.58
N LEU C 95 17.18 0.96 6.73
CA LEU C 95 16.93 1.11 5.30
C LEU C 95 16.27 -0.13 4.71
N GLY C 96 16.50 -1.29 5.32
CA GLY C 96 15.85 -2.50 4.84
C GLY C 96 14.36 -2.47 5.01
N ALA C 97 13.89 -1.93 6.14
CA ALA C 97 12.45 -1.80 6.35
C ALA C 97 11.82 -0.85 5.33
N LEU C 98 12.52 0.24 5.02
CA LEU C 98 12.01 1.18 4.02
C LEU C 98 11.92 0.52 2.64
N LEU C 99 12.91 -0.28 2.29
CA LEU C 99 12.99 -0.94 0.99
C LEU C 99 12.67 -2.43 1.10
N ARG C 100 11.70 -2.78 1.94
CA ARG C 100 11.38 -4.18 2.20
C ARG C 100 10.52 -4.82 1.12
N ASN C 101 10.03 -4.04 0.16
CA ASN C 101 9.20 -4.58 -0.91
C ASN C 101 9.71 -4.28 -2.30
N VAL C 102 10.83 -3.61 -2.44
CA VAL C 102 11.35 -3.27 -3.76
C VAL C 102 12.25 -4.40 -4.26
N THR C 103 12.20 -4.65 -5.56
CA THR C 103 13.03 -5.67 -6.20
C THR C 103 14.00 -4.95 -7.12
N MET C 104 15.24 -4.80 -6.67
CA MET C 104 16.26 -4.14 -7.49
C MET C 104 16.52 -4.96 -8.75
N SER C 105 16.59 -4.27 -9.89
CA SER C 105 16.81 -4.95 -11.15
C SER C 105 18.16 -5.65 -11.15
N ARG C 106 18.15 -6.93 -11.52
CA ARG C 106 19.35 -7.76 -11.51
C ARG C 106 20.06 -7.70 -10.18
N GLY C 107 19.29 -7.93 -9.11
CA GLY C 107 19.82 -7.86 -7.76
C GLY C 107 20.14 -9.23 -7.20
N GLY C 108 19.26 -9.77 -6.37
CA GLY C 108 19.44 -11.09 -5.83
C GLY C 108 18.74 -11.21 -4.49
N VAL C 109 18.93 -12.38 -3.87
CA VAL C 109 18.37 -12.68 -2.56
C VAL C 109 19.51 -13.06 -1.63
N MET C 110 19.57 -12.43 -0.46
CA MET C 110 20.62 -12.72 0.49
C MET C 110 20.50 -14.16 0.98
N PRO C 111 21.62 -14.89 1.13
CA PRO C 111 21.63 -16.28 1.58
C PRO C 111 20.96 -16.49 2.93
N ARG D 19 15.52 16.34 -30.13
CA ARG D 19 15.51 15.37 -29.05
C ARG D 19 15.66 16.06 -27.70
N GLN D 20 14.68 15.85 -26.82
CA GLN D 20 14.70 16.48 -25.51
C GLN D 20 15.80 15.88 -24.65
N ARG D 21 16.45 16.72 -23.85
CA ARG D 21 17.48 16.26 -22.95
C ARG D 21 16.91 15.36 -21.87
N LYS D 22 17.74 14.45 -21.36
CA LYS D 22 17.33 13.49 -20.35
C LYS D 22 17.65 14.03 -18.96
N ARG D 23 16.65 14.01 -18.09
CA ARG D 23 16.79 14.51 -16.72
C ARG D 23 17.02 13.34 -15.77
N THR D 24 18.20 13.28 -15.17
CA THR D 24 18.53 12.23 -14.22
C THR D 24 19.31 12.84 -13.06
N TRP D 25 19.64 12.00 -12.08
CA TRP D 25 20.44 12.41 -10.92
C TRP D 25 21.85 11.83 -10.96
N ASN D 26 22.32 11.45 -12.14
CA ASN D 26 23.61 10.76 -12.23
C ASN D 26 24.75 11.64 -11.72
N VAL D 27 24.74 12.93 -12.08
CA VAL D 27 25.81 13.82 -11.66
C VAL D 27 25.83 13.96 -10.14
N TYR D 28 24.65 14.18 -9.54
CA TYR D 28 24.59 14.36 -8.11
C TYR D 28 24.89 13.08 -7.35
N VAL D 29 24.45 11.93 -7.88
CA VAL D 29 24.78 10.65 -7.26
C VAL D 29 26.29 10.41 -7.32
N SER D 30 26.91 10.73 -8.45
CA SER D 30 28.36 10.57 -8.57
C SER D 30 29.08 11.48 -7.58
N ARG D 31 28.64 12.72 -7.44
CA ARG D 31 29.27 13.62 -6.47
C ARG D 31 29.07 13.10 -5.05
N SER D 32 27.89 12.57 -4.75
CA SER D 32 27.64 12.02 -3.41
C SER D 32 28.56 10.83 -3.14
N LEU D 33 28.73 9.95 -4.14
CA LEU D 33 29.65 8.83 -3.97
C LEU D 33 31.08 9.32 -3.77
N ARG D 34 31.50 10.33 -4.54
CA ARG D 34 32.83 10.90 -4.36
C ARG D 34 32.99 11.55 -2.99
N SER D 35 31.90 11.98 -2.37
CA SER D 35 32.01 12.57 -1.04
C SER D 35 32.57 11.58 -0.02
N ILE D 36 32.10 10.34 -0.03
CA ILE D 36 32.58 9.36 0.94
C ILE D 36 33.91 8.77 0.49
N ASN D 37 33.91 8.09 -0.66
CA ASN D 37 35.09 7.40 -1.15
C ASN D 37 35.37 7.89 -2.57
N SER D 38 36.48 8.60 -2.75
CA SER D 38 36.76 9.20 -4.05
C SER D 38 37.01 8.15 -5.13
N GLN D 39 37.79 7.11 -4.80
CA GLN D 39 38.12 6.10 -5.79
C GLN D 39 37.00 5.08 -5.99
N MET D 40 35.94 5.13 -5.19
CA MET D 40 34.80 4.25 -5.38
C MET D 40 34.06 4.62 -6.66
N SER D 41 33.55 3.62 -7.36
CA SER D 41 32.80 3.83 -8.60
C SER D 41 31.62 2.87 -8.63
N MET D 42 30.71 3.12 -9.56
CA MET D 42 29.49 2.33 -9.65
C MET D 42 29.10 2.18 -11.12
N THR D 43 28.49 1.03 -11.43
CA THR D 43 28.16 0.70 -12.81
C THR D 43 26.94 1.50 -13.28
N SER D 44 26.67 1.41 -14.58
CA SER D 44 25.52 2.12 -15.14
C SER D 44 24.21 1.58 -14.58
N ARG D 45 24.11 0.26 -14.44
CA ARG D 45 22.90 -0.32 -13.87
C ARG D 45 22.71 0.13 -12.43
N THR D 46 23.79 0.18 -11.65
CA THR D 46 23.69 0.70 -10.30
C THR D 46 23.32 2.17 -10.29
N MET D 47 23.81 2.93 -11.28
CA MET D 47 23.39 4.33 -11.40
C MET D 47 21.89 4.42 -11.63
N LYS D 48 21.34 3.56 -12.48
CA LYS D 48 19.89 3.55 -12.68
C LYS D 48 19.16 3.12 -11.41
N ILE D 49 19.72 2.17 -10.66
CA ILE D 49 19.11 1.75 -9.41
C ILE D 49 19.01 2.92 -8.44
N VAL D 50 20.11 3.66 -8.28
CA VAL D 50 20.12 4.79 -7.36
C VAL D 50 19.21 5.91 -7.88
N ASN D 51 19.17 6.09 -9.20
CA ASN D 51 18.28 7.09 -9.78
C ASN D 51 16.82 6.78 -9.47
N SER D 52 16.42 5.51 -9.64
CA SER D 52 15.06 5.10 -9.33
C SER D 52 14.78 5.20 -7.84
N PHE D 53 15.77 4.88 -7.00
CA PHE D 53 15.60 5.05 -5.57
C PHE D 53 15.34 6.51 -5.22
N VAL D 54 16.12 7.43 -5.80
CA VAL D 54 15.90 8.84 -5.55
C VAL D 54 14.51 9.26 -6.03
N ASN D 55 14.13 8.81 -7.23
CA ASN D 55 12.84 9.21 -7.79
C ASN D 55 11.68 8.74 -6.92
N ASP D 56 11.71 7.47 -6.50
CA ASP D 56 10.56 6.98 -5.76
C ASP D 56 10.55 7.48 -4.32
N LEU D 57 11.73 7.73 -3.73
CA LEU D 57 11.73 8.38 -2.41
C LEU D 57 11.18 9.79 -2.50
N PHE D 58 11.56 10.54 -3.54
CA PHE D 58 10.97 11.86 -3.75
C PHE D 58 9.47 11.76 -3.92
N GLU D 59 9.00 10.78 -4.71
CA GLU D 59 7.56 10.62 -4.91
C GLU D 59 6.85 10.28 -3.61
N ARG D 60 7.44 9.39 -2.80
CA ARG D 60 6.82 9.00 -1.53
C ARG D 60 6.70 10.19 -0.60
N ILE D 61 7.81 10.91 -0.40
CA ILE D 61 7.80 12.02 0.55
C ILE D 61 6.90 13.14 0.06
N ALA D 62 6.95 13.46 -1.23
CA ALA D 62 6.10 14.52 -1.77
C ALA D 62 4.63 14.13 -1.69
N ALA D 63 4.30 12.86 -1.96
CA ALA D 63 2.91 12.43 -1.87
C ALA D 63 2.41 12.48 -0.43
N GLU D 64 3.25 12.08 0.52
CA GLU D 64 2.86 12.20 1.92
C GLU D 64 2.65 13.67 2.32
N ALA D 65 3.52 14.56 1.87
CA ALA D 65 3.35 15.98 2.17
C ALA D 65 2.08 16.53 1.53
N ALA D 66 1.78 16.11 0.30
CA ALA D 66 0.56 16.55 -0.35
C ALA D 66 -0.68 16.04 0.37
N THR D 67 -0.63 14.79 0.85
CA THR D 67 -1.73 14.27 1.64
C THR D 67 -1.92 15.06 2.92
N ILE D 68 -0.81 15.43 3.57
CA ILE D 68 -0.90 16.26 4.78
C ILE D 68 -1.54 17.61 4.46
N VAL D 69 -1.13 18.21 3.34
CA VAL D 69 -1.70 19.50 2.93
C VAL D 69 -3.19 19.38 2.68
N ARG D 70 -3.60 18.33 1.98
CA ARG D 70 -5.02 18.13 1.70
C ARG D 70 -5.80 17.92 3.00
N VAL D 71 -5.27 17.11 3.92
CA VAL D 71 -5.96 16.82 5.16
C VAL D 71 -6.14 18.09 5.98
N ASN D 72 -5.09 18.92 6.05
CA ASN D 72 -5.14 20.13 6.87
C ASN D 72 -5.75 21.32 6.14
N ARG D 73 -6.18 21.15 4.89
CA ARG D 73 -6.83 22.20 4.12
C ARG D 73 -5.94 23.43 4.01
N LYS D 74 -4.79 23.24 3.38
CA LYS D 74 -3.82 24.30 3.13
C LYS D 74 -3.47 24.30 1.64
N ARG D 75 -2.58 25.21 1.26
CA ARG D 75 -2.20 25.33 -0.14
C ARG D 75 -0.69 25.51 -0.33
N THR D 76 0.12 25.17 0.68
CA THR D 76 1.56 25.36 0.61
C THR D 76 2.26 24.09 1.07
N LEU D 77 3.13 23.55 0.22
CA LEU D 77 3.95 22.39 0.57
C LEU D 77 5.33 22.88 0.98
N GLY D 78 5.41 23.41 2.19
CA GLY D 78 6.62 24.02 2.70
C GLY D 78 7.53 23.03 3.39
N ALA D 79 8.46 23.59 4.17
CA ALA D 79 9.37 22.75 4.94
C ALA D 79 8.66 22.05 6.09
N ARG D 80 7.68 22.71 6.71
CA ARG D 80 6.99 22.09 7.83
C ARG D 80 6.21 20.85 7.39
N GLU D 81 5.55 20.92 6.23
CA GLU D 81 4.84 19.75 5.72
C GLU D 81 5.81 18.62 5.41
N LEU D 82 6.97 18.94 4.83
CA LEU D 82 7.95 17.92 4.51
C LEU D 82 8.57 17.30 5.75
N GLN D 83 8.67 18.06 6.85
CA GLN D 83 9.12 17.46 8.10
C GLN D 83 8.21 16.32 8.51
N THR D 84 6.89 16.56 8.51
CA THR D 84 5.95 15.51 8.86
C THR D 84 5.92 14.39 7.84
N ALA D 85 6.09 14.71 6.55
CA ALA D 85 6.15 13.65 5.54
C ALA D 85 7.35 12.74 5.76
N VAL D 86 8.51 13.31 6.08
CA VAL D 86 9.69 12.51 6.35
C VAL D 86 9.52 11.72 7.65
N ARG D 87 8.87 12.32 8.64
CA ARG D 87 8.60 11.61 9.89
C ARG D 87 7.71 10.40 9.65
N LEU D 88 6.70 10.55 8.80
CA LEU D 88 5.77 9.46 8.55
C LEU D 88 6.35 8.38 7.64
N VAL D 89 7.13 8.76 6.63
CA VAL D 89 7.58 7.78 5.65
C VAL D 89 8.78 7.00 6.15
N LEU D 90 9.83 7.69 6.57
CA LEU D 90 11.06 7.01 6.92
C LEU D 90 10.97 6.34 8.29
N PRO D 91 11.74 5.27 8.51
CA PRO D 91 11.81 4.67 9.84
C PRO D 91 12.43 5.63 10.84
N ALA D 92 12.02 5.47 12.11
CA ALA D 92 12.26 6.48 13.13
C ALA D 92 13.75 6.79 13.28
N ASP D 93 14.58 5.75 13.34
CA ASP D 93 16.01 5.97 13.53
C ASP D 93 16.62 6.71 12.35
N LEU D 94 16.21 6.36 11.12
CA LEU D 94 16.64 7.11 9.95
C LEU D 94 15.92 8.45 9.83
N ALA D 95 14.67 8.50 10.29
CA ALA D 95 13.91 9.75 10.21
C ALA D 95 14.56 10.83 11.05
N LYS D 96 15.07 10.48 12.22
CA LYS D 96 15.72 11.47 13.07
C LYS D 96 16.87 12.14 12.33
N HIS D 97 17.75 11.35 11.73
CA HIS D 97 18.88 11.91 10.98
C HIS D 97 18.41 12.71 9.77
N ALA D 98 17.39 12.21 9.07
CA ALA D 98 16.93 12.91 7.87
C ALA D 98 16.34 14.27 8.21
N MET D 99 15.49 14.35 9.24
CA MET D 99 14.94 15.64 9.66
C MET D 99 16.02 16.56 10.19
N ALA D 100 17.00 16.02 10.92
CA ALA D 100 18.09 16.87 11.39
C ALA D 100 18.85 17.48 10.21
N GLU D 101 19.17 16.66 9.21
CA GLU D 101 19.87 17.16 8.03
C GLU D 101 19.03 18.19 7.28
N GLY D 102 17.73 17.93 7.14
CA GLY D 102 16.88 18.88 6.43
C GLY D 102 16.78 20.22 7.14
N THR D 103 16.58 20.19 8.46
CA THR D 103 16.51 21.42 9.23
C THR D 103 17.84 22.18 9.17
N LYS D 104 18.96 21.45 9.27
CA LYS D 104 20.26 22.10 9.17
C LYS D 104 20.44 22.77 7.82
N ALA D 105 20.07 22.09 6.74
CA ALA D 105 20.21 22.69 5.41
C ALA D 105 19.30 23.90 5.24
N VAL D 106 18.06 23.82 5.73
CA VAL D 106 17.14 24.96 5.61
C VAL D 106 17.69 26.15 6.36
N SER D 107 18.17 25.93 7.59
CA SER D 107 18.71 27.03 8.38
C SER D 107 19.95 27.63 7.74
N HIS D 108 20.81 26.78 7.17
CA HIS D 108 22.00 27.28 6.48
C HIS D 108 21.63 28.10 5.26
N ALA D 109 20.61 27.65 4.51
CA ALA D 109 20.18 28.39 3.32
C ALA D 109 19.56 29.74 3.70
N SER D 110 18.79 29.77 4.79
CA SER D 110 18.13 31.02 5.18
C SER D 110 19.12 32.10 5.57
N SER D 111 20.35 31.74 5.93
CA SER D 111 21.36 32.72 6.30
C SER D 111 22.66 32.47 5.55
N LEU E 45 21.54 -29.23 -2.56
CA LEU E 45 22.25 -28.36 -1.63
C LEU E 45 23.19 -27.42 -2.36
N ARG E 46 23.94 -27.97 -3.32
CA ARG E 46 24.84 -27.14 -4.12
C ARG E 46 24.07 -26.10 -4.92
N GLU E 47 22.99 -26.51 -5.56
CA GLU E 47 22.25 -25.62 -6.44
C GLU E 47 21.60 -24.48 -5.69
N ILE E 48 21.20 -24.71 -4.43
CA ILE E 48 20.57 -23.65 -3.65
C ILE E 48 21.54 -22.48 -3.48
N ARG E 49 22.76 -22.77 -3.03
CA ARG E 49 23.78 -21.73 -2.89
C ARG E 49 24.18 -21.16 -4.25
N GLN E 50 24.28 -22.01 -5.27
CA GLN E 50 24.66 -21.52 -6.60
C GLN E 50 23.67 -20.49 -7.12
N PHE E 51 22.37 -20.75 -6.94
CA PHE E 51 21.37 -19.84 -7.47
C PHE E 51 21.13 -18.63 -6.55
N GLN E 52 21.35 -18.78 -5.24
CA GLN E 52 21.27 -17.60 -4.38
C GLN E 52 22.43 -16.65 -4.65
N ARG E 53 23.63 -17.19 -4.87
CA ARG E 53 24.78 -16.35 -5.19
C ARG E 53 24.62 -15.69 -6.55
N SER E 54 24.03 -16.39 -7.51
CA SER E 54 23.86 -15.86 -8.85
C SER E 54 22.84 -14.73 -8.86
N THR E 55 22.87 -13.94 -9.94
CA THR E 55 21.98 -12.79 -10.07
C THR E 55 21.41 -12.66 -11.47
N ASP E 56 21.62 -13.65 -12.33
CA ASP E 56 21.15 -13.56 -13.71
C ASP E 56 19.65 -13.86 -13.80
N LEU E 57 19.08 -13.54 -14.95
CA LEU E 57 17.69 -13.88 -15.21
C LEU E 57 17.53 -15.39 -15.27
N LEU E 58 16.48 -15.89 -14.63
CA LEU E 58 16.30 -17.34 -14.46
C LEU E 58 15.24 -17.93 -15.38
N LEU E 59 14.09 -17.27 -15.52
CA LEU E 59 13.09 -17.78 -16.46
C LEU E 59 13.60 -17.69 -17.88
N GLN E 60 13.13 -18.61 -18.72
CA GLN E 60 13.40 -18.53 -20.14
C GLN E 60 12.84 -17.22 -20.68
N LYS E 61 13.66 -16.51 -21.46
CA LYS E 61 13.32 -15.16 -21.89
C LYS E 61 12.37 -15.13 -23.08
N ALA E 62 12.41 -16.11 -23.97
CA ALA E 62 11.50 -16.11 -25.11
C ALA E 62 10.12 -16.67 -24.73
N PRO E 63 10.02 -17.78 -24.00
CA PRO E 63 8.69 -18.20 -23.53
C PRO E 63 8.01 -17.17 -22.67
N PHE E 64 8.75 -16.41 -21.88
CA PHE E 64 8.12 -15.34 -21.12
C PHE E 64 7.57 -14.26 -22.05
N GLN E 65 8.31 -13.89 -23.09
CA GLN E 65 7.79 -12.93 -24.06
C GLN E 65 6.51 -13.46 -24.70
N ARG E 66 6.50 -14.74 -25.02
CA ARG E 66 5.30 -15.35 -25.60
C ARG E 66 4.13 -15.25 -24.65
N LEU E 67 4.36 -15.48 -23.35
CA LEU E 67 3.29 -15.37 -22.37
C LEU E 67 2.77 -13.94 -22.25
N VAL E 68 3.69 -12.96 -22.21
CA VAL E 68 3.26 -11.56 -22.13
C VAL E 68 2.42 -11.17 -23.34
N ARG E 69 2.87 -11.54 -24.53
CA ARG E 69 2.13 -11.16 -25.73
C ARG E 69 0.81 -11.92 -25.82
N GLU E 70 0.77 -13.17 -25.37
CA GLU E 70 -0.49 -13.91 -25.33
C GLU E 70 -1.49 -13.26 -24.39
N VAL E 71 -1.03 -12.82 -23.21
CA VAL E 71 -1.91 -12.13 -22.28
C VAL E 71 -2.41 -10.82 -22.88
N SER E 72 -1.51 -10.07 -23.52
CA SER E 72 -1.92 -8.81 -24.14
C SER E 72 -2.97 -9.04 -25.23
N GLY E 73 -2.78 -10.08 -26.05
CA GLY E 73 -3.78 -10.41 -27.04
C GLY E 73 -5.10 -10.83 -26.43
N ALA E 74 -5.04 -11.54 -25.30
CA ALA E 74 -6.25 -11.92 -24.59
C ALA E 74 -7.01 -10.70 -24.10
N GLN E 75 -6.29 -9.70 -23.60
CA GLN E 75 -6.94 -8.45 -23.19
C GLN E 75 -7.54 -7.74 -24.41
N LYS E 76 -6.69 -7.35 -25.36
CA LYS E 76 -7.15 -6.80 -26.63
C LYS E 76 -6.03 -6.93 -27.67
N GLU E 77 -6.36 -7.55 -28.81
CA GLU E 77 -5.35 -7.86 -29.82
C GLU E 77 -4.87 -6.59 -30.51
N GLY E 78 -3.61 -6.63 -30.95
CA GLY E 78 -3.01 -5.54 -31.71
C GLY E 78 -2.03 -4.69 -30.94
N LEU E 79 -1.94 -4.86 -29.62
CA LEU E 79 -1.05 -4.04 -28.82
C LEU E 79 0.40 -4.43 -29.04
N ARG E 80 1.24 -3.43 -29.30
CA ARG E 80 2.67 -3.66 -29.46
C ARG E 80 3.37 -3.42 -28.13
N PHE E 81 4.56 -4.02 -27.99
CA PHE E 81 5.32 -3.92 -26.75
C PHE E 81 6.68 -3.29 -27.03
N GLN E 82 7.51 -3.28 -25.99
CA GLN E 82 8.86 -2.73 -26.07
C GLN E 82 9.85 -3.76 -25.53
N SER E 83 10.99 -3.89 -26.20
CA SER E 83 12.00 -4.85 -25.77
C SER E 83 12.64 -4.48 -24.43
N SER E 84 12.47 -3.25 -23.97
CA SER E 84 12.99 -2.82 -22.68
C SER E 84 11.97 -2.95 -21.56
N ALA E 85 10.76 -3.42 -21.86
CA ALA E 85 9.72 -3.58 -20.84
C ALA E 85 9.40 -5.03 -20.54
N ILE E 86 9.73 -5.96 -21.43
CA ILE E 86 9.59 -7.37 -21.11
C ILE E 86 10.55 -7.76 -19.99
N LEU E 87 11.79 -7.28 -20.06
CA LEU E 87 12.75 -7.56 -19.00
C LEU E 87 12.29 -6.98 -17.67
N ALA E 88 11.69 -5.79 -17.69
CA ALA E 88 11.13 -5.23 -16.47
C ALA E 88 9.99 -6.08 -15.93
N ALA E 89 9.11 -6.55 -16.82
CA ALA E 89 8.02 -7.41 -16.40
C ALA E 89 8.49 -8.79 -15.95
N GLN E 90 9.71 -9.18 -16.30
CA GLN E 90 10.26 -10.47 -15.89
C GLN E 90 11.05 -10.39 -14.59
N GLU E 91 11.86 -9.35 -14.41
CA GLU E 91 12.61 -9.19 -13.18
C GLU E 91 11.71 -8.89 -11.99
N ALA E 92 10.46 -8.51 -12.22
CA ALA E 92 9.47 -8.37 -11.16
C ALA E 92 8.51 -9.55 -11.12
N THR E 93 8.56 -10.44 -12.10
CA THR E 93 7.83 -11.69 -12.05
C THR E 93 8.65 -12.79 -11.39
N GLU E 94 9.94 -12.89 -11.74
CA GLU E 94 10.79 -13.85 -11.05
C GLU E 94 10.99 -13.46 -9.60
N SER E 95 11.05 -12.17 -9.30
CA SER E 95 11.16 -11.75 -7.90
C SER E 95 9.92 -12.14 -7.11
N TYR E 96 8.74 -11.95 -7.69
CA TYR E 96 7.50 -12.32 -7.01
C TYR E 96 7.45 -13.82 -6.75
N ILE E 97 7.78 -14.63 -7.74
CA ILE E 97 7.72 -16.08 -7.58
C ILE E 97 8.79 -16.55 -6.60
N VAL E 98 9.98 -15.93 -6.64
CA VAL E 98 11.04 -16.31 -5.70
C VAL E 98 10.62 -16.00 -4.27
N SER E 99 10.03 -14.81 -4.05
CA SER E 99 9.55 -14.49 -2.71
C SER E 99 8.45 -15.43 -2.28
N LEU E 100 7.53 -15.76 -3.19
CA LEU E 100 6.45 -16.69 -2.87
C LEU E 100 6.99 -18.06 -2.52
N LEU E 101 8.01 -18.52 -3.23
CA LEU E 101 8.57 -19.85 -2.95
C LEU E 101 9.40 -19.84 -1.68
N ALA E 102 10.04 -18.72 -1.35
CA ALA E 102 10.73 -18.62 -0.06
C ALA E 102 9.73 -18.65 1.09
N ASP E 103 8.60 -17.95 0.94
CA ASP E 103 7.54 -18.04 1.93
C ASP E 103 6.97 -19.46 2.01
N THR E 104 6.86 -20.13 0.87
CA THR E 104 6.42 -21.52 0.84
C THR E 104 7.40 -22.41 1.59
N ASN E 105 8.70 -22.18 1.40
CA ASN E 105 9.71 -22.92 2.14
C ASN E 105 9.58 -22.70 3.62
N ARG E 106 9.37 -21.46 4.04
CA ARG E 106 9.18 -21.18 5.46
C ARG E 106 7.96 -21.91 5.99
N ALA E 107 6.87 -21.91 5.24
CA ALA E 107 5.65 -22.60 5.67
C ALA E 107 5.88 -24.10 5.78
N CYS E 108 6.57 -24.69 4.81
CA CYS E 108 6.77 -26.15 4.83
C CYS E 108 7.73 -26.57 5.92
N ILE E 109 8.83 -25.84 6.10
CA ILE E 109 9.76 -26.14 7.17
C ILE E 109 9.09 -25.96 8.53
N HIS E 110 8.21 -24.96 8.64
CA HIS E 110 7.43 -24.81 9.86
C HIS E 110 6.57 -26.04 10.14
N SER E 111 6.18 -26.76 9.09
CA SER E 111 5.36 -27.96 9.23
C SER E 111 6.19 -29.21 9.49
N GLY E 112 7.51 -29.08 9.59
CA GLY E 112 8.38 -30.22 9.79
C GLY E 112 8.84 -30.91 8.52
N ARG E 113 8.37 -30.47 7.36
CA ARG E 113 8.74 -31.07 6.09
C ARG E 113 9.90 -30.30 5.47
N VAL E 114 10.37 -30.80 4.32
CA VAL E 114 11.42 -30.13 3.57
C VAL E 114 10.97 -29.96 2.12
N THR E 115 9.87 -30.61 1.76
CA THR E 115 9.34 -30.54 0.41
C THR E 115 8.10 -29.66 0.38
N ILE E 116 8.05 -28.73 -0.57
CA ILE E 116 6.89 -27.87 -0.72
C ILE E 116 5.75 -28.65 -1.36
N GLN E 117 4.54 -28.34 -0.97
CA GLN E 117 3.32 -28.98 -1.46
C GLN E 117 2.30 -27.90 -1.79
N PRO E 118 1.29 -28.23 -2.62
CA PRO E 118 0.31 -27.20 -3.00
C PRO E 118 -0.36 -26.53 -1.81
N LYS E 119 -0.58 -27.25 -0.72
CA LYS E 119 -1.13 -26.61 0.46
C LYS E 119 -0.20 -25.55 1.04
N ASP E 120 1.11 -25.74 0.91
CA ASP E 120 2.04 -24.70 1.36
C ASP E 120 1.91 -23.44 0.51
N ILE E 121 1.80 -23.60 -0.80
CA ILE E 121 1.62 -22.44 -1.68
C ILE E 121 0.30 -21.75 -1.36
N HIS E 122 -0.76 -22.54 -1.12
CA HIS E 122 -2.04 -21.97 -0.76
C HIS E 122 -2.00 -21.22 0.57
N LEU E 123 -1.27 -21.73 1.56
CA LEU E 123 -1.07 -20.99 2.80
C LEU E 123 -0.29 -19.70 2.59
N ALA E 124 0.76 -19.74 1.76
CA ALA E 124 1.53 -18.53 1.49
C ALA E 124 0.67 -17.48 0.80
N LEU E 125 -0.16 -17.89 -0.15
CA LEU E 125 -1.04 -16.94 -0.83
C LEU E 125 -2.11 -16.41 0.12
N CYS E 126 -2.74 -17.30 0.90
CA CYS E 126 -3.79 -16.88 1.82
C CYS E 126 -3.27 -15.98 2.93
N LEU E 127 -1.98 -16.03 3.22
CA LEU E 127 -1.41 -15.22 4.29
C LEU E 127 -1.02 -13.83 3.82
N ARG E 128 -1.00 -13.58 2.51
CA ARG E 128 -0.58 -12.29 1.97
C ARG E 128 -1.55 -11.70 0.97
N GLY E 129 -2.48 -12.47 0.43
CA GLY E 129 -3.44 -11.96 -0.54
C GLY E 129 -3.35 -12.64 -1.88
N VAL F 24 0.94 -20.51 -21.00
CA VAL F 24 1.62 -20.58 -19.72
C VAL F 24 2.43 -21.87 -19.61
N ARG F 25 2.03 -22.88 -20.39
CA ARG F 25 2.75 -24.15 -20.37
C ARG F 25 4.17 -24.01 -20.90
N GLY F 26 4.47 -22.90 -21.59
CA GLY F 26 5.84 -22.66 -22.01
C GLY F 26 6.79 -22.51 -20.86
N ILE F 27 6.33 -21.99 -19.73
CA ILE F 27 7.15 -21.87 -18.54
C ILE F 27 7.48 -23.29 -18.05
N THR F 28 8.72 -23.71 -18.25
CA THR F 28 9.07 -25.11 -18.09
C THR F 28 9.32 -25.46 -16.62
N ARG F 29 9.49 -26.77 -16.38
CA ARG F 29 9.79 -27.24 -15.04
C ARG F 29 11.15 -26.75 -14.56
N GLY F 30 12.11 -26.63 -15.48
CA GLY F 30 13.45 -26.21 -15.09
C GLY F 30 13.48 -24.80 -14.51
N SER F 31 12.75 -23.88 -15.14
CA SER F 31 12.73 -22.51 -14.64
C SER F 31 12.10 -22.44 -13.26
N ILE F 32 10.99 -23.16 -13.06
CA ILE F 32 10.34 -23.17 -11.75
C ILE F 32 11.28 -23.77 -10.71
N ARG F 33 11.98 -24.85 -11.07
CA ARG F 33 12.91 -25.47 -10.13
C ARG F 33 14.04 -24.50 -9.77
N ARG F 34 14.56 -23.77 -10.76
CA ARG F 34 15.64 -22.82 -10.48
C ARG F 34 15.15 -21.68 -9.59
N LEU F 35 13.95 -21.18 -9.86
CA LEU F 35 13.39 -20.13 -8.99
C LEU F 35 13.19 -20.66 -7.59
N ALA F 36 12.75 -21.91 -7.46
CA ALA F 36 12.59 -22.50 -6.13
C ALA F 36 13.94 -22.63 -5.42
N ARG F 37 14.97 -23.04 -6.14
CA ARG F 37 16.31 -23.12 -5.55
C ARG F 37 16.77 -21.76 -5.05
N ARG F 38 16.53 -20.71 -5.85
CA ARG F 38 16.82 -19.36 -5.38
C ARG F 38 15.96 -19.00 -4.17
N GLY F 39 14.77 -19.59 -4.07
CA GLY F 39 13.93 -19.36 -2.90
C GLY F 39 14.37 -20.12 -1.68
N GLY F 40 15.19 -21.15 -1.84
CA GLY F 40 15.80 -21.83 -0.72
C GLY F 40 15.25 -23.20 -0.37
N VAL F 41 14.37 -23.77 -1.20
CA VAL F 41 13.83 -25.09 -0.89
C VAL F 41 14.85 -26.17 -1.20
N LYS F 42 14.57 -27.38 -0.72
CA LYS F 42 15.41 -28.53 -0.99
C LYS F 42 14.74 -29.54 -1.90
N ARG F 43 13.41 -29.66 -1.85
CA ARG F 43 12.69 -30.62 -2.67
C ARG F 43 11.36 -30.01 -3.10
N ILE F 44 10.88 -30.44 -4.26
CA ILE F 44 9.67 -29.89 -4.87
C ILE F 44 8.72 -31.02 -5.19
N SER F 45 7.46 -30.87 -4.80
CA SER F 45 6.45 -31.86 -5.14
C SER F 45 6.10 -31.77 -6.62
N GLY F 46 5.54 -32.87 -7.14
CA GLY F 46 5.16 -32.92 -8.54
C GLY F 46 3.95 -32.08 -8.88
N VAL F 47 3.16 -31.71 -7.88
CA VAL F 47 1.97 -30.88 -8.13
C VAL F 47 2.28 -29.39 -7.97
N ILE F 48 3.46 -29.04 -7.46
CA ILE F 48 3.81 -27.64 -7.27
C ILE F 48 3.89 -26.90 -8.60
N TYR F 49 4.38 -27.58 -9.64
CA TYR F 49 4.67 -26.90 -10.90
C TYR F 49 3.43 -26.28 -11.51
N ASP F 50 2.31 -26.99 -11.51
CA ASP F 50 1.09 -26.44 -12.08
C ASP F 50 0.60 -25.23 -11.31
N GLU F 51 0.64 -25.30 -9.96
CA GLU F 51 0.21 -24.17 -9.15
C GLU F 51 1.11 -22.95 -9.37
N VAL F 52 2.42 -23.17 -9.46
CA VAL F 52 3.35 -22.07 -9.70
C VAL F 52 3.09 -21.46 -11.08
N ARG F 53 2.84 -22.30 -12.08
CA ARG F 53 2.51 -21.78 -13.40
C ARG F 53 1.24 -20.93 -13.35
N GLY F 54 0.22 -21.41 -12.63
CA GLY F 54 -1.01 -20.64 -12.52
C GLY F 54 -0.80 -19.29 -11.84
N VAL F 55 -0.06 -19.29 -10.73
CA VAL F 55 0.20 -18.04 -10.02
C VAL F 55 1.00 -17.07 -10.88
N LEU F 56 2.03 -17.58 -11.56
CA LEU F 56 2.84 -16.72 -12.41
C LEU F 56 2.02 -16.14 -13.55
N LYS F 57 1.17 -16.96 -14.17
CA LYS F 57 0.31 -16.46 -15.23
C LYS F 57 -0.66 -15.40 -14.71
N SER F 58 -1.23 -15.61 -13.53
CA SER F 58 -2.14 -14.61 -12.97
C SER F 58 -1.43 -13.30 -12.69
N PHE F 59 -0.22 -13.37 -12.11
CA PHE F 59 0.53 -12.16 -11.81
C PHE F 59 0.89 -11.40 -13.09
N VAL F 60 1.39 -12.13 -14.09
CA VAL F 60 1.73 -11.48 -15.36
C VAL F 60 0.49 -10.91 -16.02
N GLU F 61 -0.65 -11.61 -15.93
CA GLU F 61 -1.88 -11.12 -16.51
C GLU F 61 -2.29 -9.80 -15.88
N GLY F 62 -2.22 -9.71 -14.54
CA GLY F 62 -2.54 -8.46 -13.89
C GLY F 62 -1.60 -7.33 -14.29
N VAL F 63 -0.29 -7.61 -14.29
CA VAL F 63 0.69 -6.57 -14.61
C VAL F 63 0.48 -6.06 -16.03
N VAL F 64 0.29 -6.96 -16.99
CA VAL F 64 0.09 -6.54 -18.37
C VAL F 64 -1.25 -5.85 -18.54
N ARG F 65 -2.30 -6.30 -17.85
CA ARG F 65 -3.59 -5.64 -17.91
C ARG F 65 -3.48 -4.19 -17.46
N ASP F 66 -2.67 -3.95 -16.43
CA ASP F 66 -2.50 -2.60 -15.89
C ASP F 66 -1.61 -1.73 -16.78
N ALA F 67 -0.49 -2.27 -17.26
CA ALA F 67 0.35 -1.54 -18.21
C ALA F 67 -0.39 -1.22 -19.50
N THR F 68 -1.31 -2.10 -19.90
CA THR F 68 -2.15 -1.81 -21.07
C THR F 68 -3.04 -0.61 -20.82
N ALA F 69 -3.60 -0.48 -19.61
CA ALA F 69 -4.41 0.70 -19.30
C ALA F 69 -3.56 1.97 -19.33
N TYR F 70 -2.38 1.91 -18.71
CA TYR F 70 -1.50 3.07 -18.74
C TYR F 70 -1.11 3.46 -20.17
N THR F 71 -0.81 2.47 -21.00
CA THR F 71 -0.47 2.73 -22.39
C THR F 71 -1.65 3.29 -23.16
N GLU F 72 -2.84 2.74 -22.93
CA GLU F 72 -4.03 3.18 -23.65
C GLU F 72 -4.39 4.62 -23.30
N TYR F 73 -4.10 5.04 -22.07
CA TYR F 73 -4.34 6.44 -21.73
C TYR F 73 -3.49 7.35 -22.61
N SER F 74 -2.23 7.00 -22.81
CA SER F 74 -1.27 7.84 -23.52
C SER F 74 -1.57 7.95 -25.01
N ARG F 75 -2.62 7.29 -25.51
CA ARG F 75 -2.94 7.26 -26.93
C ARG F 75 -1.81 6.67 -27.76
N LYS F 76 -1.00 5.81 -27.13
CA LYS F 76 0.06 5.07 -27.79
C LYS F 76 -0.29 3.59 -27.78
N LYS F 77 0.39 2.83 -28.63
CA LYS F 77 0.17 1.38 -28.64
C LYS F 77 1.47 0.63 -28.40
N THR F 78 2.32 1.16 -27.53
CA THR F 78 3.53 0.46 -27.10
C THR F 78 3.60 0.50 -25.58
N VAL F 79 4.10 -0.58 -24.99
CA VAL F 79 4.22 -0.66 -23.55
C VAL F 79 5.68 -0.45 -23.18
N THR F 80 6.04 0.80 -22.83
CA THR F 80 7.41 1.09 -22.45
C THR F 80 7.67 0.62 -21.03
N ALA F 81 8.96 0.59 -20.66
CA ALA F 81 9.33 0.15 -19.33
C ALA F 81 8.73 1.03 -18.25
N VAL F 82 8.50 2.30 -18.54
CA VAL F 82 7.88 3.20 -17.58
C VAL F 82 6.47 2.73 -17.25
N ASP F 83 5.71 2.30 -18.26
CA ASP F 83 4.35 1.84 -18.02
C ASP F 83 4.32 0.60 -17.15
N VAL F 84 5.21 -0.36 -17.42
CA VAL F 84 5.28 -1.57 -16.61
C VAL F 84 5.70 -1.24 -15.18
N VAL F 85 6.66 -0.31 -15.03
CA VAL F 85 7.10 0.08 -13.69
C VAL F 85 5.96 0.73 -12.93
N ASN F 86 5.19 1.60 -13.59
CA ASN F 86 4.06 2.23 -12.92
C ASN F 86 2.99 1.21 -12.55
N ALA F 87 2.73 0.26 -13.44
CA ALA F 87 1.74 -0.79 -13.14
C ALA F 87 2.17 -1.61 -11.94
N LEU F 88 3.46 -1.95 -11.86
CA LEU F 88 3.96 -2.68 -10.70
C LEU F 88 3.91 -1.81 -9.45
N ARG F 89 4.24 -0.53 -9.57
CA ARG F 89 4.24 0.36 -8.42
C ARG F 89 2.86 0.48 -7.81
N LYS F 90 1.82 0.59 -8.65
CA LYS F 90 0.48 0.64 -8.09
C LYS F 90 0.15 -0.68 -7.39
N ARG F 91 0.55 -1.80 -7.99
CA ARG F 91 0.29 -3.12 -7.43
C ARG F 91 0.98 -3.32 -6.09
N GLY F 92 2.10 -2.65 -5.85
CA GLY F 92 2.81 -2.79 -4.58
C GLY F 92 4.25 -3.23 -4.76
N LYS F 93 4.49 -4.12 -5.72
CA LYS F 93 5.82 -4.63 -6.01
C LYS F 93 6.58 -3.58 -6.83
N ILE F 94 7.18 -2.61 -6.12
CA ILE F 94 7.93 -1.57 -6.79
C ILE F 94 9.18 -2.16 -7.45
N LEU F 95 9.65 -1.49 -8.50
CA LEU F 95 10.78 -1.97 -9.28
C LEU F 95 11.74 -0.81 -9.54
N TYR F 96 13.02 -1.02 -9.26
CA TYR F 96 14.05 -0.02 -9.47
C TYR F 96 14.91 -0.40 -10.66
N GLY F 97 15.21 0.57 -11.52
CA GLY F 97 16.18 0.34 -12.58
C GLY F 97 15.63 0.43 -13.99
N TYR F 98 14.47 1.08 -14.15
CA TYR F 98 13.88 1.25 -15.47
C TYR F 98 13.21 2.62 -15.60
N GLY G 14 -32.45 18.43 -6.15
CA GLY G 14 -31.36 18.07 -7.02
C GLY G 14 -30.65 19.25 -7.65
N SER G 15 -29.33 19.18 -7.71
CA SER G 15 -28.55 20.27 -8.30
C SER G 15 -28.82 20.38 -9.79
N SER G 16 -28.72 21.60 -10.30
CA SER G 16 -29.00 21.84 -11.72
C SER G 16 -28.01 21.11 -12.61
N ARG G 17 -26.73 21.13 -12.26
CA ARG G 17 -25.71 20.47 -13.07
C ARG G 17 -25.60 18.98 -12.79
N SER G 18 -26.29 18.48 -11.77
CA SER G 18 -26.32 17.04 -11.54
C SER G 18 -27.56 16.40 -12.16
N VAL G 19 -28.70 17.08 -12.07
CA VAL G 19 -29.92 16.57 -12.69
C VAL G 19 -29.78 16.53 -14.20
N LYS G 20 -29.14 17.56 -14.79
CA LYS G 20 -28.92 17.56 -16.23
C LYS G 20 -28.14 16.33 -16.67
N ALA G 21 -27.22 15.84 -15.85
CA ALA G 21 -26.50 14.60 -16.13
C ALA G 21 -27.27 13.36 -15.68
N GLY G 22 -28.36 13.52 -14.94
CA GLY G 22 -29.17 12.40 -14.51
C GLY G 22 -28.65 11.67 -13.29
N LEU G 23 -27.55 12.12 -12.70
CA LEU G 23 -26.95 11.42 -11.57
C LEU G 23 -27.68 11.79 -10.27
N ILE G 24 -27.25 11.16 -9.19
CA ILE G 24 -27.73 11.47 -7.85
C ILE G 24 -26.69 12.21 -7.04
N PHE G 25 -25.42 11.80 -7.17
CA PHE G 25 -24.35 12.51 -6.50
C PHE G 25 -24.16 13.88 -7.13
N PRO G 26 -23.66 14.86 -6.38
CA PRO G 26 -23.55 16.22 -6.90
C PRO G 26 -22.31 16.38 -7.78
N VAL G 27 -22.52 16.87 -9.00
CA VAL G 27 -21.39 17.12 -9.88
C VAL G 27 -20.59 18.31 -9.38
N GLY G 28 -21.27 19.36 -8.94
CA GLY G 28 -20.58 20.57 -8.51
C GLY G 28 -19.73 20.34 -7.27
N ARG G 29 -20.27 19.66 -6.27
CA ARG G 29 -19.50 19.42 -5.06
C ARG G 29 -18.32 18.49 -5.33
N VAL G 30 -18.50 17.50 -6.20
CA VAL G 30 -17.39 16.62 -6.56
C VAL G 30 -16.29 17.42 -7.25
N GLY G 31 -16.68 18.30 -8.17
CA GLY G 31 -15.67 19.14 -8.81
C GLY G 31 -14.96 20.06 -7.83
N THR G 32 -15.71 20.63 -6.89
CA THR G 32 -15.10 21.48 -5.87
C THR G 32 -14.13 20.70 -5.00
N LEU G 33 -14.50 19.47 -4.63
CA LEU G 33 -13.60 18.62 -3.85
C LEU G 33 -12.35 18.28 -4.64
N LEU G 34 -12.50 18.02 -5.94
CA LEU G 34 -11.33 17.74 -6.76
C LEU G 34 -10.42 18.95 -6.84
N ARG G 35 -10.98 20.15 -7.01
CA ARG G 35 -10.15 21.35 -7.10
C ARG G 35 -9.49 21.69 -5.77
N ARG G 36 -10.19 21.51 -4.64
CA ARG G 36 -9.60 21.82 -3.35
C ARG G 36 -8.50 20.85 -2.99
N GLY G 37 -8.58 19.61 -3.48
CA GLY G 37 -7.54 18.63 -3.16
C GLY G 37 -6.24 18.86 -3.91
N GLN G 38 -6.24 19.76 -4.89
CA GLN G 38 -5.05 20.07 -5.67
C GLN G 38 -4.47 18.82 -6.33
N TYR G 39 -5.35 17.94 -6.81
CA TYR G 39 -4.88 16.75 -7.51
C TYR G 39 -4.23 17.11 -8.84
N ALA G 40 -4.72 18.16 -9.50
CA ALA G 40 -4.12 18.64 -10.74
C ALA G 40 -4.33 20.15 -10.82
N ARG G 41 -3.53 20.78 -11.67
CA ARG G 41 -3.60 22.24 -11.79
C ARG G 41 -4.95 22.67 -12.32
N ARG G 42 -5.47 21.97 -13.32
CA ARG G 42 -6.80 22.25 -13.87
C ARG G 42 -7.58 20.94 -13.94
N ILE G 43 -8.90 21.05 -13.79
CA ILE G 43 -9.79 19.90 -13.79
C ILE G 43 -10.93 20.16 -14.76
N GLY G 44 -11.12 19.25 -15.71
CA GLY G 44 -12.18 19.43 -16.68
C GLY G 44 -13.56 19.30 -16.04
N ALA G 45 -14.54 19.94 -16.67
CA ALA G 45 -15.91 19.85 -16.18
C ALA G 45 -16.44 18.42 -16.32
N SER G 46 -16.10 17.74 -17.41
CA SER G 46 -16.55 16.37 -17.59
C SER G 46 -15.93 15.44 -16.56
N GLY G 47 -14.74 15.76 -16.06
CA GLY G 47 -14.12 14.94 -15.03
C GLY G 47 -14.94 14.88 -13.75
N ALA G 48 -15.50 16.00 -13.33
CA ALA G 48 -16.36 16.00 -12.14
C ALA G 48 -17.60 15.14 -12.37
N VAL G 49 -18.20 15.23 -13.56
CA VAL G 49 -19.37 14.41 -13.87
C VAL G 49 -19.01 12.94 -13.82
N TYR G 50 -17.88 12.57 -14.41
CA TYR G 50 -17.46 11.17 -14.43
C TYR G 50 -17.17 10.66 -13.02
N MET G 51 -16.50 11.47 -12.20
CA MET G 51 -16.22 11.03 -10.85
C MET G 51 -17.50 10.88 -10.03
N ALA G 52 -18.44 11.81 -10.20
CA ALA G 52 -19.72 11.69 -9.51
C ALA G 52 -20.45 10.43 -9.94
N ALA G 53 -20.43 10.12 -11.24
CA ALA G 53 -21.08 8.91 -11.72
C ALA G 53 -20.42 7.66 -11.14
N VAL G 54 -19.09 7.62 -11.11
CA VAL G 54 -18.40 6.45 -10.57
C VAL G 54 -18.70 6.27 -9.09
N LEU G 55 -18.65 7.37 -8.33
CA LEU G 55 -18.97 7.27 -6.92
C LEU G 55 -20.40 6.83 -6.70
N GLU G 56 -21.33 7.35 -7.50
CA GLU G 56 -22.73 6.92 -7.38
C GLU G 56 -22.88 5.44 -7.66
N TYR G 57 -22.22 4.95 -8.71
CA TYR G 57 -22.34 3.53 -9.04
C TYR G 57 -21.74 2.67 -7.93
N LEU G 58 -20.59 3.06 -7.39
CA LEU G 58 -19.97 2.26 -6.35
C LEU G 58 -20.80 2.24 -5.08
N THR G 59 -21.35 3.39 -4.69
CA THR G 59 -22.25 3.43 -3.55
C THR G 59 -23.49 2.59 -3.79
N ALA G 60 -24.04 2.65 -5.01
CA ALA G 60 -25.22 1.85 -5.33
C ALA G 60 -24.91 0.36 -5.28
N GLU G 61 -23.74 -0.04 -5.77
CA GLU G 61 -23.35 -1.44 -5.70
C GLU G 61 -23.21 -1.91 -4.26
N LEU G 62 -22.55 -1.11 -3.42
CA LEU G 62 -22.42 -1.47 -2.02
C LEU G 62 -23.78 -1.57 -1.34
N LEU G 63 -24.68 -0.63 -1.65
CA LEU G 63 -26.00 -0.65 -1.03
C LEU G 63 -26.82 -1.84 -1.51
N GLU G 64 -26.71 -2.19 -2.80
CA GLU G 64 -27.41 -3.37 -3.30
C GLU G 64 -26.89 -4.63 -2.61
N LEU G 65 -25.57 -4.77 -2.48
CA LEU G 65 -25.02 -5.95 -1.80
C LEU G 65 -25.44 -6.00 -0.34
N SER G 66 -25.45 -4.85 0.34
CA SER G 66 -25.87 -4.82 1.73
C SER G 66 -27.35 -5.16 1.88
N VAL G 67 -28.19 -4.68 0.97
CA VAL G 67 -29.61 -5.00 1.01
C VAL G 67 -29.81 -6.50 0.81
N LYS G 68 -29.10 -7.07 -0.17
CA LYS G 68 -29.23 -8.51 -0.40
C LYS G 68 -28.76 -9.31 0.79
N ALA G 69 -27.66 -8.90 1.41
CA ALA G 69 -27.17 -9.58 2.61
C ALA G 69 -28.13 -9.45 3.78
N ALA G 70 -28.78 -8.30 3.94
CA ALA G 70 -29.78 -8.15 4.98
C ALA G 70 -30.98 -9.05 4.72
N ALA G 71 -31.37 -9.19 3.46
CA ALA G 71 -32.45 -10.11 3.12
C ALA G 71 -32.04 -11.56 3.38
N GLN G 72 -30.77 -11.89 3.21
CA GLN G 72 -30.30 -13.25 3.43
C GLN G 72 -30.37 -13.66 4.89
N GLN G 73 -30.37 -12.70 5.82
CA GLN G 73 -30.42 -13.03 7.24
C GLN G 73 -31.77 -13.63 7.60
N THR G 74 -31.76 -14.45 8.66
CA THR G 74 -33.00 -15.07 9.12
C THR G 74 -34.01 -14.01 9.56
N LYS G 75 -33.55 -13.00 10.28
CA LYS G 75 -34.41 -11.89 10.67
C LYS G 75 -34.55 -10.93 9.49
N LYS G 76 -35.80 -10.56 9.19
CA LYS G 76 -36.09 -9.66 8.08
C LYS G 76 -35.95 -8.20 8.52
N THR G 77 -34.75 -7.88 9.01
CA THR G 77 -34.46 -6.52 9.45
C THR G 77 -34.43 -5.58 8.25
N LYS G 78 -35.01 -4.39 8.43
CA LYS G 78 -35.08 -3.37 7.39
C LYS G 78 -34.10 -2.24 7.61
N ARG G 79 -33.12 -2.41 8.50
CA ARG G 79 -32.13 -1.39 8.79
C ARG G 79 -30.74 -1.97 8.59
N LEU G 80 -29.90 -1.24 7.84
CA LEU G 80 -28.57 -1.71 7.45
C LEU G 80 -27.61 -1.49 8.60
N THR G 81 -27.42 -2.53 9.41
CA THR G 81 -26.43 -2.49 10.47
C THR G 81 -25.02 -2.59 9.87
N PRO G 82 -24.00 -2.10 10.58
CA PRO G 82 -22.63 -2.24 10.08
C PRO G 82 -22.21 -3.68 9.86
N ARG G 83 -22.76 -4.61 10.65
CA ARG G 83 -22.46 -6.02 10.43
C ARG G 83 -22.95 -6.48 9.06
N THR G 84 -24.13 -6.01 8.65
CA THR G 84 -24.65 -6.37 7.33
C THR G 84 -23.75 -5.85 6.22
N VAL G 85 -23.27 -4.61 6.33
CA VAL G 85 -22.35 -4.07 5.34
C VAL G 85 -21.07 -4.88 5.30
N THR G 86 -20.54 -5.23 6.48
CA THR G 86 -19.31 -6.02 6.53
C THR G 86 -19.51 -7.38 5.87
N LEU G 87 -20.63 -8.04 6.16
CA LEU G 87 -20.89 -9.35 5.56
C LEU G 87 -21.04 -9.24 4.05
N ALA G 88 -21.75 -8.22 3.58
CA ALA G 88 -21.92 -8.04 2.15
C ALA G 88 -20.59 -7.79 1.46
N VAL G 89 -19.71 -7.01 2.11
CA VAL G 89 -18.40 -6.75 1.53
C VAL G 89 -17.56 -8.02 1.48
N ARG G 90 -17.50 -8.74 2.61
CA ARG G 90 -16.62 -9.91 2.67
C ARG G 90 -17.13 -11.07 1.83
N HIS G 91 -18.43 -11.17 1.60
CA HIS G 91 -18.96 -12.27 0.80
C HIS G 91 -18.79 -12.04 -0.70
N ASP G 92 -18.69 -10.79 -1.14
CA ASP G 92 -18.49 -10.51 -2.55
C ASP G 92 -17.06 -10.84 -2.96
N ASP G 93 -16.89 -11.12 -4.25
CA ASP G 93 -15.58 -11.47 -4.79
C ASP G 93 -14.83 -10.29 -5.39
N ASP G 94 -15.52 -9.19 -5.69
CA ASP G 94 -14.89 -8.00 -6.26
C ASP G 94 -14.89 -6.81 -5.31
N LEU G 95 -16.03 -6.52 -4.69
CA LEU G 95 -16.06 -5.47 -3.68
C LEU G 95 -15.40 -5.91 -2.38
N GLY G 96 -15.10 -7.20 -2.23
CA GLY G 96 -14.37 -7.68 -1.07
C GLY G 96 -12.88 -7.72 -1.32
N ALA G 97 -12.47 -7.66 -2.59
CA ALA G 97 -11.06 -7.54 -2.93
C ALA G 97 -10.60 -6.10 -2.95
N LEU G 98 -11.45 -5.19 -3.42
CA LEU G 98 -11.14 -3.76 -3.32
C LEU G 98 -11.05 -3.31 -1.88
N LEU G 99 -11.96 -3.78 -1.03
CA LEU G 99 -12.00 -3.41 0.38
C LEU G 99 -11.24 -4.38 1.26
N ARG G 100 -10.25 -5.08 0.73
CA ARG G 100 -9.33 -5.80 1.59
C ARG G 100 -8.40 -4.81 2.29
N ASN G 101 -7.88 -5.23 3.45
CA ASN G 101 -7.10 -4.36 4.32
C ASN G 101 -7.91 -3.13 4.72
N VAL G 102 -9.22 -3.29 4.86
CA VAL G 102 -10.12 -2.24 5.29
C VAL G 102 -10.95 -2.75 6.46
N THR G 103 -10.97 -1.99 7.54
CA THR G 103 -11.67 -2.39 8.77
C THR G 103 -12.96 -1.58 8.88
N MET G 104 -14.10 -2.27 8.79
CA MET G 104 -15.38 -1.64 9.04
C MET G 104 -15.59 -1.52 10.54
N SER G 105 -15.88 -0.32 11.01
CA SER G 105 -16.03 -0.10 12.44
C SER G 105 -17.21 -0.87 12.99
N ARG G 106 -16.96 -1.62 14.08
CA ARG G 106 -17.99 -2.43 14.72
C ARG G 106 -18.66 -3.37 13.73
N GLY G 107 -17.87 -3.92 12.82
CA GLY G 107 -18.40 -4.81 11.81
C GLY G 107 -18.07 -6.27 12.05
N GLY G 108 -17.12 -6.54 12.94
CA GLY G 108 -16.76 -7.91 13.21
C GLY G 108 -16.06 -8.55 12.01
N VAL G 109 -16.04 -9.88 12.02
CA VAL G 109 -15.46 -10.67 10.94
C VAL G 109 -16.47 -11.71 10.49
N MET G 110 -16.30 -12.18 9.26
CA MET G 110 -17.19 -13.22 8.73
C MET G 110 -16.91 -14.54 9.44
N PRO G 111 -17.95 -15.30 9.80
CA PRO G 111 -17.78 -16.59 10.49
C PRO G 111 -17.25 -17.69 9.59
N ARG H 19 -20.30 28.26 14.02
CA ARG H 19 -19.70 26.99 13.65
C ARG H 19 -19.85 26.72 12.15
N GLN H 20 -18.75 26.33 11.52
CA GLN H 20 -18.78 26.05 10.09
C GLN H 20 -19.59 24.80 9.80
N ARG H 21 -20.33 24.83 8.70
CA ARG H 21 -21.14 23.68 8.31
C ARG H 21 -20.25 22.52 7.88
N LYS H 22 -20.65 21.31 8.26
CA LYS H 22 -19.92 20.10 7.90
C LYS H 22 -20.53 19.49 6.66
N ARG H 23 -19.68 19.08 5.72
CA ARG H 23 -20.13 18.55 4.44
C ARG H 23 -19.94 17.04 4.43
N THR H 24 -21.04 16.31 4.21
CA THR H 24 -21.04 14.86 4.16
C THR H 24 -21.97 14.40 3.05
N TRP H 25 -21.84 13.13 2.67
CA TRP H 25 -22.67 12.52 1.65
C TRP H 25 -23.90 11.82 2.21
N ASN H 26 -24.41 12.29 3.36
CA ASN H 26 -25.55 11.62 3.97
C ASN H 26 -26.80 11.68 3.10
N VAL H 27 -27.13 12.87 2.60
CA VAL H 27 -28.31 13.02 1.76
C VAL H 27 -28.18 12.17 0.51
N TYR H 28 -27.00 12.17 -0.11
CA TYR H 28 -26.77 11.46 -1.35
C TYR H 28 -26.83 9.95 -1.16
N VAL H 29 -26.18 9.45 -0.11
CA VAL H 29 -26.23 8.01 0.17
C VAL H 29 -27.65 7.58 0.50
N SER H 30 -28.38 8.40 1.27
CA SER H 30 -29.77 8.07 1.58
C SER H 30 -30.63 8.06 0.33
N ARG H 31 -30.41 9.00 -0.59
CA ARG H 31 -31.14 8.99 -1.86
C ARG H 31 -30.83 7.74 -2.66
N SER H 32 -29.55 7.34 -2.69
CA SER H 32 -29.19 6.12 -3.38
C SER H 32 -29.88 4.90 -2.77
N LEU H 33 -29.95 4.84 -1.43
CA LEU H 33 -30.64 3.74 -0.78
C LEU H 33 -32.12 3.74 -1.12
N ARG H 34 -32.76 4.92 -1.10
CA ARG H 34 -34.17 4.99 -1.43
C ARG H 34 -34.42 4.56 -2.87
N SER H 35 -33.52 4.92 -3.78
CA SER H 35 -33.62 4.45 -5.16
C SER H 35 -33.49 2.93 -5.22
N ILE H 36 -32.56 2.38 -4.44
CA ILE H 36 -32.35 0.93 -4.45
C ILE H 36 -33.53 0.21 -3.80
N ASN H 37 -34.00 0.72 -2.66
CA ASN H 37 -35.13 0.12 -1.95
C ASN H 37 -35.75 1.20 -1.08
N SER H 38 -37.01 1.55 -1.36
CA SER H 38 -37.64 2.69 -0.70
C SER H 38 -37.85 2.47 0.80
N GLN H 39 -37.98 1.23 1.25
CA GLN H 39 -38.31 0.95 2.64
C GLN H 39 -37.08 0.71 3.51
N MET H 40 -35.88 0.86 2.97
CA MET H 40 -34.67 0.57 3.71
C MET H 40 -34.15 1.79 4.45
N SER H 41 -33.25 1.55 5.40
CA SER H 41 -32.60 2.60 6.17
C SER H 41 -31.32 2.02 6.74
N MET H 42 -30.43 2.92 7.18
CA MET H 42 -29.22 2.49 7.86
C MET H 42 -28.99 3.36 9.09
N THR H 43 -28.28 2.79 10.06
CA THR H 43 -27.97 3.49 11.29
C THR H 43 -26.95 4.60 11.04
N SER H 44 -26.74 5.44 12.05
CA SER H 44 -25.78 6.53 11.95
C SER H 44 -24.38 5.98 11.72
N ARG H 45 -24.04 4.89 12.40
CA ARG H 45 -22.73 4.29 12.21
C ARG H 45 -22.56 3.77 10.79
N THR H 46 -23.61 3.17 10.22
CA THR H 46 -23.53 2.74 8.83
C THR H 46 -23.47 3.93 7.89
N MET H 47 -24.16 5.03 8.23
CA MET H 47 -23.97 6.27 7.48
C MET H 47 -22.52 6.70 7.46
N LYS H 48 -21.86 6.66 8.63
CA LYS H 48 -20.45 7.04 8.68
C LYS H 48 -19.59 6.08 7.88
N ILE H 49 -19.91 4.78 7.94
CA ILE H 49 -19.14 3.79 7.20
C ILE H 49 -19.24 4.04 5.69
N VAL H 50 -20.45 4.26 5.19
CA VAL H 50 -20.63 4.49 3.77
C VAL H 50 -20.05 5.83 3.35
N ASN H 51 -20.15 6.85 4.21
CA ASN H 51 -19.56 8.15 3.93
C ASN H 51 -18.04 8.03 3.81
N SER H 52 -17.41 7.33 4.74
CA SER H 52 -15.98 7.09 4.65
C SER H 52 -15.60 6.20 3.48
N PHE H 53 -16.49 5.28 3.09
CA PHE H 53 -16.27 4.48 1.89
C PHE H 53 -16.21 5.38 0.66
N VAL H 54 -17.16 6.30 0.53
CA VAL H 54 -17.16 7.22 -0.61
C VAL H 54 -15.92 8.11 -0.56
N ASN H 55 -15.56 8.61 0.62
CA ASN H 55 -14.38 9.47 0.73
C ASN H 55 -13.12 8.70 0.36
N ASP H 56 -13.00 7.46 0.82
CA ASP H 56 -11.80 6.68 0.54
C ASP H 56 -11.70 6.37 -0.95
N LEU H 57 -12.82 6.00 -1.59
CA LEU H 57 -12.77 5.75 -3.02
C LEU H 57 -12.49 7.03 -3.81
N PHE H 58 -13.05 8.16 -3.38
CA PHE H 58 -12.71 9.44 -4.00
C PHE H 58 -11.21 9.67 -3.95
N GLU H 59 -10.62 9.53 -2.77
CA GLU H 59 -9.18 9.76 -2.62
C GLU H 59 -8.37 8.77 -3.44
N ARG H 60 -8.77 7.49 -3.44
CA ARG H 60 -7.99 6.47 -4.12
C ARG H 60 -8.02 6.65 -5.64
N ILE H 61 -9.19 6.99 -6.19
CA ILE H 61 -9.29 7.22 -7.62
C ILE H 61 -8.60 8.51 -8.02
N ALA H 62 -8.76 9.57 -7.20
CA ALA H 62 -8.16 10.84 -7.54
C ALA H 62 -6.64 10.80 -7.43
N ALA H 63 -6.11 10.02 -6.48
CA ALA H 63 -4.66 9.87 -6.39
C ALA H 63 -4.10 9.17 -7.61
N GLU H 64 -4.77 8.14 -8.11
CA GLU H 64 -4.32 7.47 -9.32
C GLU H 64 -4.44 8.39 -10.53
N ALA H 65 -5.51 9.18 -10.60
CA ALA H 65 -5.63 10.15 -11.70
C ALA H 65 -4.51 11.18 -11.64
N ALA H 66 -4.17 11.65 -10.43
CA ALA H 66 -3.08 12.60 -10.28
C ALA H 66 -1.74 11.97 -10.65
N THR H 67 -1.55 10.70 -10.31
CA THR H 67 -0.33 10.00 -10.71
C THR H 67 -0.25 9.89 -12.23
N ILE H 68 -1.38 9.61 -12.87
CA ILE H 68 -1.41 9.55 -14.34
C ILE H 68 -1.06 10.91 -14.93
N VAL H 69 -1.61 11.98 -14.36
CA VAL H 69 -1.30 13.32 -14.83
C VAL H 69 0.19 13.62 -14.65
N ARG H 70 0.75 13.29 -13.49
CA ARG H 70 2.14 13.58 -13.21
C ARG H 70 3.08 12.81 -14.13
N VAL H 71 2.80 11.52 -14.34
CA VAL H 71 3.74 10.67 -15.07
C VAL H 71 3.82 11.11 -16.53
N ASN H 72 2.69 11.46 -17.13
CA ASN H 72 2.61 11.85 -18.53
C ASN H 72 2.76 13.35 -18.75
N ARG H 73 3.08 14.12 -17.70
CA ARG H 73 3.41 15.54 -17.82
C ARG H 73 2.26 16.32 -18.44
N LYS H 74 1.12 16.32 -17.75
CA LYS H 74 -0.05 17.07 -18.16
C LYS H 74 -0.54 17.90 -16.98
N ARG H 75 -1.59 18.69 -17.21
CA ARG H 75 -2.12 19.57 -16.18
C ARG H 75 -3.63 19.51 -16.03
N THR H 76 -4.34 18.80 -16.91
CA THR H 76 -5.79 18.71 -16.86
C THR H 76 -6.20 17.32 -16.38
N LEU H 77 -7.11 17.27 -15.42
CA LEU H 77 -7.63 16.00 -14.90
C LEU H 77 -9.07 15.89 -15.39
N GLY H 78 -9.24 15.35 -16.58
CA GLY H 78 -10.53 15.24 -17.24
C GLY H 78 -11.18 13.89 -17.03
N ALA H 79 -12.02 13.51 -17.98
CA ALA H 79 -12.71 12.22 -17.90
C ALA H 79 -11.78 11.06 -18.22
N ARG H 80 -10.89 11.24 -19.19
CA ARG H 80 -9.96 10.16 -19.55
C ARG H 80 -9.05 9.82 -18.38
N GLU H 81 -8.54 10.84 -17.68
CA GLU H 81 -7.72 10.62 -16.50
C GLU H 81 -8.47 9.88 -15.39
N LEU H 82 -9.80 9.88 -15.44
CA LEU H 82 -10.59 9.12 -14.48
C LEU H 82 -11.11 7.81 -15.04
N GLN H 83 -11.35 7.73 -16.35
CA GLN H 83 -11.56 6.43 -16.98
C GLN H 83 -10.39 5.50 -16.68
N THR H 84 -9.17 5.96 -16.95
CA THR H 84 -8.00 5.13 -16.72
C THR H 84 -7.80 4.88 -15.24
N ALA H 85 -8.11 5.87 -14.39
CA ALA H 85 -7.98 5.67 -12.95
C ALA H 85 -8.93 4.60 -12.44
N VAL H 86 -10.17 4.61 -12.92
CA VAL H 86 -11.14 3.60 -12.49
C VAL H 86 -10.73 2.23 -13.01
N ARG H 87 -10.27 2.16 -14.26
CA ARG H 87 -9.79 0.88 -14.79
C ARG H 87 -8.59 0.37 -14.02
N LEU H 88 -7.73 1.27 -13.54
CA LEU H 88 -6.54 0.88 -12.80
C LEU H 88 -6.86 0.41 -11.38
N VAL H 89 -7.75 1.12 -10.68
CA VAL H 89 -7.92 0.88 -9.26
C VAL H 89 -8.84 -0.31 -9.00
N LEU H 90 -10.05 -0.27 -9.54
CA LEU H 90 -11.05 -1.27 -9.18
C LEU H 90 -10.81 -2.57 -9.94
N PRO H 91 -11.33 -3.69 -9.42
CA PRO H 91 -11.23 -4.95 -10.15
C PRO H 91 -12.01 -4.90 -11.46
N ALA H 92 -11.63 -5.79 -12.38
CA ALA H 92 -12.04 -5.65 -13.77
C ALA H 92 -13.55 -5.67 -13.94
N ASP H 93 -14.23 -6.62 -13.30
CA ASP H 93 -15.68 -6.76 -13.49
C ASP H 93 -16.44 -5.56 -12.93
N LEU H 94 -16.05 -5.07 -11.75
CA LEU H 94 -16.70 -3.88 -11.21
C LEU H 94 -16.28 -2.62 -11.96
N ALA H 95 -15.01 -2.55 -12.36
CA ALA H 95 -14.53 -1.38 -13.11
C ALA H 95 -15.25 -1.24 -14.43
N LYS H 96 -15.57 -2.35 -15.09
CA LYS H 96 -16.27 -2.25 -16.37
C LYS H 96 -17.61 -1.55 -16.23
N HIS H 97 -18.39 -1.95 -15.23
CA HIS H 97 -19.66 -1.29 -15.00
C HIS H 97 -19.47 0.16 -14.58
N ALA H 98 -18.45 0.44 -13.75
CA ALA H 98 -18.22 1.81 -13.32
C ALA H 98 -17.88 2.72 -14.50
N MET H 99 -17.00 2.26 -15.39
CA MET H 99 -16.67 3.03 -16.58
C MET H 99 -17.89 3.19 -17.49
N ALA H 100 -18.71 2.14 -17.63
CA ALA H 100 -19.89 2.27 -18.46
C ALA H 100 -20.83 3.35 -17.91
N GLU H 101 -21.07 3.34 -16.61
CA GLU H 101 -21.92 4.36 -16.01
C GLU H 101 -21.32 5.75 -16.10
N GLY H 102 -20.01 5.87 -15.92
CA GLY H 102 -19.38 7.18 -16.04
C GLY H 102 -19.47 7.73 -17.44
N THR H 103 -19.22 6.89 -18.45
CA THR H 103 -19.36 7.33 -19.83
C THR H 103 -20.81 7.72 -20.15
N LYS H 104 -21.78 6.93 -19.65
CA LYS H 104 -23.17 7.29 -19.86
C LYS H 104 -23.51 8.64 -19.27
N ALA H 105 -23.06 8.90 -18.05
CA ALA H 105 -23.34 10.20 -17.42
C ALA H 105 -22.65 11.34 -18.13
N VAL H 106 -21.41 11.14 -18.58
CA VAL H 106 -20.69 12.19 -19.29
C VAL H 106 -21.38 12.51 -20.61
N SER H 107 -21.80 11.48 -21.34
CA SER H 107 -22.52 11.71 -22.60
C SER H 107 -23.86 12.38 -22.36
N HIS H 108 -24.55 12.04 -21.26
CA HIS H 108 -25.79 12.74 -20.93
C HIS H 108 -25.53 14.21 -20.64
N ALA H 109 -24.47 14.51 -19.89
CA ALA H 109 -24.24 15.89 -19.47
C ALA H 109 -23.76 16.76 -20.62
N SER H 110 -22.89 16.22 -21.47
CA SER H 110 -22.30 17.03 -22.54
C SER H 110 -23.37 17.54 -23.50
N SER H 111 -24.31 16.67 -23.88
CA SER H 111 -25.37 17.06 -24.80
C SER H 111 -26.72 17.14 -24.08
#